data_7S0X
#
_entry.id   7S0X
#
_cell.length_a   84.060
_cell.length_b   70.502
_cell.length_c   105.960
_cell.angle_alpha   90.00
_cell.angle_beta   100.23
_cell.angle_gamma   90.00
#
_symmetry.space_group_name_H-M   'P 1 21 1'
#
loop_
_entity.id
_entity.type
_entity.pdbx_description
1 polymer 'Fab352 light chain'
2 polymer 'Fab352 heavy chain'
3 polymer 'Circumsporozoite protein'
4 water water
#
loop_
_entity_poly.entity_id
_entity_poly.type
_entity_poly.pdbx_seq_one_letter_code
_entity_poly.pdbx_strand_id
1 'polypeptide(L)'
;SYVLTQPPSVSVAPGQTAKITCGGNNIGSESVHWYQQKPGQAPVLVVYDDAVRPSGIPERFSGSNSRNTATLTISRVEAG
DEAAYYCQVWDSSTVASFGGGTKLTVLGQPKAAPSVTLFPPSSEELQANKATLVCLVSDFYPGAVTVAWKADGSPVKVGV
ETTKPSKQSNNKYAASSYLSLTPEQWKSHRSYSCRVTHEGSTVEKTVAPAECS
;
L,D
2 'polypeptide(L)'
;EVQLVESGGGLVKPGGSLRLSCAASGFSFSEYRMNWVRQAPGKGLEWVSFISSSGTYIDYADSVKGRFTISRDNVNNSLY
LQMNNLRAGDTAVYYCARGMGIAVRRFDYWGQGTLVSVSSASTKGPSVFPLAPSSKSTSGGTAALGCLVKDYFPEPVTVS
WNSGALTSGVHTFPAVLQSSGLYSLSSVVTVPSSSLGTQTYICNVNHKPSNTKVDKKVEPKSC
;
H,C
3 'polypeptide(L)' EPSDKHIKEYLNKIQNSLSTEWSPCSVTCGNGIQVRIKPGSANKPKDELDYANDIEKKICKMEKCS E,F
#
# COMPACT_ATOMS: atom_id res chain seq x y z
N SER A 1 13.15 -35.46 11.13
CA SER A 1 12.37 -34.26 10.87
C SER A 1 11.20 -34.56 9.93
N TYR A 2 10.01 -34.14 10.34
CA TYR A 2 8.81 -34.34 9.54
C TYR A 2 8.70 -33.24 8.49
N VAL A 3 8.48 -33.63 7.23
CA VAL A 3 8.36 -32.69 6.12
C VAL A 3 6.90 -32.39 5.89
N LEU A 4 6.58 -31.11 5.80
CA LEU A 4 5.24 -30.63 5.49
C LEU A 4 5.26 -29.94 4.12
N THR A 5 4.17 -30.09 3.38
CA THR A 5 4.07 -29.58 2.03
C THR A 5 2.75 -28.85 1.87
N GLN A 6 2.81 -27.55 1.58
CA GLN A 6 1.63 -26.73 1.39
C GLN A 6 1.57 -26.22 -0.05
N PRO A 7 0.37 -25.96 -0.57
CA PRO A 7 0.27 -25.35 -1.90
C PRO A 7 0.91 -23.97 -1.90
N PRO A 8 1.58 -23.59 -3.00
CA PRO A 8 2.19 -22.25 -3.03
C PRO A 8 1.20 -21.11 -2.91
N SER A 9 0.12 -21.13 -3.71
CA SER A 9 -0.82 -20.03 -3.74
C SER A 9 -2.23 -20.54 -3.50
N VAL A 10 -3.09 -19.64 -3.01
CA VAL A 10 -4.49 -19.93 -2.73
C VAL A 10 -5.28 -18.64 -2.81
N SER A 11 -6.25 -18.59 -3.73
CA SER A 11 -7.00 -17.37 -4.00
C SER A 11 -8.48 -17.60 -3.72
N VAL A 12 -9.17 -16.51 -3.39
CA VAL A 12 -10.59 -16.57 -3.07
C VAL A 12 -11.11 -15.13 -3.01
N ALA A 13 -12.42 -14.97 -3.18
CA ALA A 13 -13.00 -13.63 -3.19
C ALA A 13 -13.39 -13.19 -1.79
N PRO A 14 -13.58 -11.89 -1.57
CA PRO A 14 -13.96 -11.42 -0.23
C PRO A 14 -15.29 -12.02 0.21
N GLY A 15 -15.35 -12.39 1.50
CA GLY A 15 -16.53 -12.98 2.08
C GLY A 15 -16.65 -14.48 1.90
N GLN A 16 -15.88 -15.06 0.98
CA GLN A 16 -15.86 -16.49 0.80
C GLN A 16 -14.86 -17.13 1.76
N THR A 17 -14.87 -18.46 1.81
CA THR A 17 -14.09 -19.21 2.77
C THR A 17 -12.93 -19.89 2.03
N ALA A 18 -11.72 -19.72 2.56
CA ALA A 18 -10.51 -20.25 1.95
C ALA A 18 -9.93 -21.36 2.82
N LYS A 19 -9.47 -22.42 2.17
CA LYS A 19 -8.86 -23.56 2.85
C LYS A 19 -7.40 -23.67 2.41
N ILE A 20 -6.51 -23.71 3.39
CA ILE A 20 -5.08 -23.82 3.15
C ILE A 20 -4.62 -25.17 3.69
N THR A 21 -4.17 -26.04 2.79
CA THR A 21 -3.86 -27.42 3.12
C THR A 21 -2.40 -27.58 3.49
N CYS A 22 -2.13 -28.53 4.38
CA CYS A 22 -0.77 -28.87 4.80
C CYS A 22 -0.68 -30.39 4.81
N GLY A 23 -0.01 -30.95 3.81
CA GLY A 23 -0.03 -32.38 3.56
C GLY A 23 1.20 -33.10 4.07
N GLY A 24 1.01 -34.39 4.37
CA GLY A 24 2.06 -35.26 4.83
C GLY A 24 1.48 -36.63 5.13
N ASN A 25 2.23 -37.69 4.82
CA ASN A 25 1.70 -39.03 5.02
C ASN A 25 1.49 -39.30 6.50
N ASN A 26 0.24 -39.58 6.87
CA ASN A 26 -0.16 -39.79 8.26
C ASN A 26 0.17 -38.57 9.10
N ILE A 27 -0.18 -37.39 8.59
CA ILE A 27 -0.01 -36.16 9.34
C ILE A 27 -1.05 -36.05 10.46
N GLY A 28 -2.15 -36.80 10.35
CA GLY A 28 -3.17 -36.78 11.39
C GLY A 28 -2.67 -37.20 12.75
N SER A 29 -1.59 -38.00 12.79
CA SER A 29 -1.00 -38.44 14.03
C SER A 29 -0.10 -37.40 14.67
N GLU A 30 0.16 -36.29 13.98
CA GLU A 30 0.98 -35.20 14.49
C GLU A 30 0.10 -34.01 14.83
N SER A 31 0.62 -33.14 15.70
CA SER A 31 -0.10 -31.96 16.16
C SER A 31 0.45 -30.75 15.40
N VAL A 32 -0.41 -30.11 14.61
CA VAL A 32 0.00 -29.06 13.68
C VAL A 32 -0.34 -27.70 14.27
N HIS A 33 0.49 -26.71 13.96
CA HIS A 33 0.27 -25.32 14.30
C HIS A 33 0.31 -24.48 13.03
N TRP A 34 -0.18 -23.25 13.13
CA TRP A 34 -0.33 -22.39 11.97
C TRP A 34 0.06 -20.96 12.32
N TYR A 35 0.63 -20.27 11.33
CA TYR A 35 1.13 -18.92 11.52
C TYR A 35 0.69 -18.04 10.36
N GLN A 36 0.41 -16.78 10.67
CA GLN A 36 0.14 -15.75 9.68
C GLN A 36 1.29 -14.77 9.67
N GLN A 37 1.86 -14.52 8.48
CA GLN A 37 2.95 -13.57 8.31
C GLN A 37 2.57 -12.56 7.23
N LYS A 38 2.10 -11.39 7.65
CA LYS A 38 1.80 -10.33 6.71
C LYS A 38 3.10 -9.64 6.29
N PRO A 39 3.13 -9.03 5.10
CA PRO A 39 4.42 -8.58 4.54
C PRO A 39 5.10 -7.55 5.43
N GLY A 40 6.34 -7.87 5.81
CA GLY A 40 7.16 -6.98 6.61
C GLY A 40 7.12 -7.24 8.10
N GLN A 41 6.06 -7.88 8.59
CA GLN A 41 5.87 -8.10 10.02
C GLN A 41 6.29 -9.50 10.41
N ALA A 42 6.20 -9.78 11.70
CA ALA A 42 6.56 -11.08 12.23
C ALA A 42 5.39 -12.06 12.11
N PRO A 43 5.67 -13.36 12.11
CA PRO A 43 4.57 -14.34 12.13
C PRO A 43 3.71 -14.15 13.36
N VAL A 44 2.45 -14.57 13.23
CA VAL A 44 1.50 -14.56 14.34
C VAL A 44 0.88 -15.94 14.42
N LEU A 45 0.97 -16.57 15.59
CA LEU A 45 0.37 -17.89 15.79
C LEU A 45 -1.15 -17.73 15.81
N VAL A 46 -1.82 -18.31 14.83
CA VAL A 46 -3.28 -18.20 14.71
C VAL A 46 -3.94 -19.43 15.30
N VAL A 47 -3.29 -20.59 15.19
CA VAL A 47 -3.86 -21.85 15.66
C VAL A 47 -2.73 -22.76 16.09
N TYR A 48 -2.87 -23.36 17.27
CA TYR A 48 -1.92 -24.36 17.74
C TYR A 48 -2.67 -25.65 18.08
N ASP A 49 -1.89 -26.71 18.31
CA ASP A 49 -2.42 -28.05 18.52
C ASP A 49 -3.63 -28.31 17.63
N ASP A 50 -3.40 -28.33 16.32
CA ASP A 50 -4.41 -28.68 15.32
C ASP A 50 -5.53 -27.65 15.20
N ALA A 51 -6.23 -27.37 16.30
CA ALA A 51 -7.47 -26.60 16.19
C ALA A 51 -7.73 -25.58 17.28
N VAL A 52 -6.89 -25.51 18.32
CA VAL A 52 -7.13 -24.54 19.40
C VAL A 52 -6.50 -23.21 19.02
N ARG A 53 -7.19 -22.13 19.40
CA ARG A 53 -6.77 -20.78 19.07
C ARG A 53 -6.25 -20.04 20.29
N PRO A 54 -5.21 -19.22 20.14
CA PRO A 54 -4.82 -18.34 21.24
C PRO A 54 -5.84 -17.23 21.43
N SER A 55 -5.67 -16.49 22.51
CA SER A 55 -6.57 -15.38 22.81
C SER A 55 -6.44 -14.29 21.76
N GLY A 56 -7.57 -13.70 21.40
CA GLY A 56 -7.61 -12.59 20.48
C GLY A 56 -7.83 -12.98 19.02
N ILE A 57 -7.41 -14.18 18.63
CA ILE A 57 -7.61 -14.63 17.26
C ILE A 57 -9.11 -14.77 17.00
N PRO A 58 -9.64 -14.24 15.91
CA PRO A 58 -11.09 -14.34 15.67
C PRO A 58 -11.50 -15.77 15.38
N GLU A 59 -12.80 -16.03 15.58
CA GLU A 59 -13.36 -17.35 15.31
C GLU A 59 -13.24 -17.74 13.85
N ARG A 60 -13.02 -16.78 12.95
CA ARG A 60 -12.96 -17.07 11.53
C ARG A 60 -11.88 -18.08 11.18
N PHE A 61 -10.86 -18.24 12.03
CA PHE A 61 -9.73 -19.11 11.75
C PHE A 61 -9.94 -20.44 12.45
N SER A 62 -9.87 -21.52 11.69
CA SER A 62 -10.17 -22.86 12.19
C SER A 62 -9.20 -23.87 11.60
N GLY A 63 -8.76 -24.80 12.41
CA GLY A 63 -7.81 -25.83 11.99
C GLY A 63 -8.36 -27.22 12.23
N SER A 64 -8.07 -28.12 11.30
CA SER A 64 -8.41 -29.53 11.44
C SER A 64 -7.24 -30.37 10.91
N ASN A 65 -7.16 -31.61 11.39
CA ASN A 65 -6.07 -32.49 11.02
C ASN A 65 -6.61 -33.91 11.00
N SER A 66 -6.81 -34.47 9.80
CA SER A 66 -7.53 -35.73 9.66
C SER A 66 -6.60 -36.91 9.42
N ARG A 67 -6.12 -37.07 8.18
CA ARG A 67 -5.36 -38.26 7.82
C ARG A 67 -4.00 -37.89 7.24
N ASN A 68 -3.98 -37.51 5.96
CA ASN A 68 -2.77 -37.04 5.30
C ASN A 68 -2.85 -35.56 4.97
N THR A 69 -3.73 -34.83 5.65
CA THR A 69 -4.00 -33.44 5.31
C THR A 69 -4.43 -32.68 6.55
N ALA A 70 -3.64 -31.69 6.94
CA ALA A 70 -4.08 -30.66 7.87
C ALA A 70 -4.59 -29.46 7.08
N THR A 71 -5.57 -28.76 7.65
CA THR A 71 -6.26 -27.70 6.95
C THR A 71 -6.55 -26.54 7.89
N LEU A 72 -6.12 -25.35 7.51
CA LEU A 72 -6.49 -24.12 8.21
C LEU A 72 -7.54 -23.40 7.37
N THR A 73 -8.79 -23.49 7.80
CA THR A 73 -9.90 -22.86 7.11
C THR A 73 -10.07 -21.43 7.60
N ILE A 74 -10.25 -20.51 6.65
CA ILE A 74 -10.51 -19.11 6.96
C ILE A 74 -11.86 -18.75 6.34
N SER A 75 -12.82 -18.42 7.19
CA SER A 75 -14.18 -18.12 6.77
C SER A 75 -14.38 -16.61 6.65
N ARG A 76 -15.33 -16.23 5.78
CA ARG A 76 -15.67 -14.82 5.56
C ARG A 76 -14.39 -13.98 5.40
N VAL A 77 -13.60 -14.37 4.40
CA VAL A 77 -12.26 -13.81 4.25
C VAL A 77 -12.34 -12.31 3.99
N GLU A 78 -11.49 -11.56 4.68
CA GLU A 78 -11.30 -10.13 4.46
C GLU A 78 -9.98 -9.90 3.74
N ALA A 79 -9.86 -8.71 3.14
CA ALA A 79 -8.62 -8.36 2.46
C ALA A 79 -7.44 -8.41 3.42
N GLY A 80 -7.64 -7.99 4.67
CA GLY A 80 -6.57 -8.02 5.64
C GLY A 80 -5.95 -9.37 5.85
N ASP A 81 -6.66 -10.45 5.51
CA ASP A 81 -6.12 -11.79 5.68
C ASP A 81 -5.08 -12.14 4.62
N GLU A 82 -4.93 -11.32 3.59
CA GLU A 82 -3.90 -11.49 2.59
C GLU A 82 -2.53 -11.54 3.27
N ALA A 83 -1.90 -12.71 3.29
CA ALA A 83 -0.61 -12.89 3.94
C ALA A 83 -0.06 -14.25 3.53
N ALA A 84 1.04 -14.66 4.18
CA ALA A 84 1.60 -15.99 4.02
C ALA A 84 1.25 -16.83 5.24
N TYR A 85 0.96 -18.11 5.01
CA TYR A 85 0.55 -19.02 6.08
C TYR A 85 1.45 -20.24 6.07
N TYR A 86 2.07 -20.53 7.22
CA TYR A 86 2.99 -21.64 7.37
C TYR A 86 2.45 -22.61 8.41
N CYS A 87 2.26 -23.87 8.01
CA CYS A 87 2.03 -24.91 9.01
C CYS A 87 3.35 -25.35 9.62
N GLN A 88 3.27 -25.95 10.81
CA GLN A 88 4.48 -26.30 11.53
C GLN A 88 4.20 -27.41 12.52
N VAL A 89 5.15 -28.33 12.64
CA VAL A 89 5.12 -29.39 13.64
C VAL A 89 6.46 -29.43 14.35
N TRP A 90 6.44 -29.89 15.60
CA TRP A 90 7.66 -30.11 16.36
C TRP A 90 7.40 -31.08 17.50
N ASP A 91 7.34 -32.37 17.19
CA ASP A 91 7.25 -33.37 18.25
C ASP A 91 8.58 -33.48 18.97
N SER A 92 8.53 -33.55 20.30
CA SER A 92 9.74 -33.51 21.12
C SER A 92 10.73 -34.61 20.78
N SER A 93 10.34 -35.60 19.96
CA SER A 93 11.24 -36.66 19.56
C SER A 93 12.13 -36.25 18.38
N THR A 94 11.76 -35.21 17.65
CA THR A 94 12.56 -34.72 16.52
C THR A 94 12.77 -33.22 16.73
N VAL A 95 13.08 -32.50 15.66
CA VAL A 95 13.25 -31.05 15.70
C VAL A 95 12.10 -30.39 14.94
N ALA A 96 11.99 -29.08 15.11
CA ALA A 96 10.91 -28.32 14.50
C ALA A 96 10.99 -28.43 12.98
N SER A 97 9.90 -28.05 12.32
CA SER A 97 9.76 -28.25 10.89
C SER A 97 8.60 -27.41 10.39
N PHE A 98 8.84 -26.62 9.35
CA PHE A 98 7.84 -25.72 8.78
C PHE A 98 7.44 -26.20 7.39
N GLY A 99 6.22 -25.86 7.00
CA GLY A 99 5.82 -26.00 5.62
C GLY A 99 6.50 -24.96 4.74
N GLY A 100 6.28 -25.08 3.43
CA GLY A 100 6.85 -24.13 2.50
C GLY A 100 6.16 -22.79 2.49
N GLY A 101 4.96 -22.71 3.07
CA GLY A 101 4.21 -21.48 3.09
C GLY A 101 3.18 -21.43 1.99
N THR A 102 2.01 -20.85 2.28
CA THR A 102 0.96 -20.64 1.29
C THR A 102 0.63 -19.15 1.25
N LYS A 103 0.69 -18.56 0.06
CA LYS A 103 0.33 -17.15 -0.11
C LYS A 103 -1.17 -17.08 -0.37
N LEU A 104 -1.91 -16.59 0.62
CA LEU A 104 -3.33 -16.30 0.41
C LEU A 104 -3.47 -15.00 -0.37
N THR A 105 -4.41 -14.98 -1.30
CA THR A 105 -4.70 -13.80 -2.11
C THR A 105 -6.20 -13.60 -2.12
N VAL A 106 -6.66 -12.45 -1.66
CA VAL A 106 -8.07 -12.09 -1.71
C VAL A 106 -8.31 -11.31 -2.99
N LEU A 107 -9.17 -11.84 -3.86
CA LEU A 107 -9.20 -11.45 -5.26
C LEU A 107 -10.00 -10.16 -5.45
N GLY A 108 -9.31 -9.11 -5.89
CA GLY A 108 -9.96 -7.88 -6.31
C GLY A 108 -9.93 -7.65 -7.81
N GLN A 109 -9.43 -8.60 -8.59
CA GLN A 109 -9.36 -8.49 -10.03
C GLN A 109 -9.51 -9.89 -10.63
N PRO A 110 -9.79 -9.98 -11.92
CA PRO A 110 -9.83 -11.31 -12.55
C PRO A 110 -8.43 -11.89 -12.73
N LYS A 111 -8.32 -13.19 -12.50
CA LYS A 111 -7.02 -13.85 -12.63
C LYS A 111 -6.44 -13.61 -14.02
N ALA A 112 -5.15 -13.31 -14.06
CA ALA A 112 -4.46 -12.96 -15.31
C ALA A 112 -3.23 -13.84 -15.47
N ALA A 113 -3.10 -14.46 -16.64
CA ALA A 113 -1.91 -15.23 -16.92
C ALA A 113 -0.74 -14.30 -17.22
N PRO A 114 0.49 -14.76 -16.98
CA PRO A 114 1.65 -13.86 -17.12
C PRO A 114 2.12 -13.72 -18.55
N SER A 115 2.65 -12.54 -18.85
CA SER A 115 3.35 -12.28 -20.10
C SER A 115 4.85 -12.45 -19.85
N VAL A 116 5.50 -13.25 -20.67
CA VAL A 116 6.91 -13.59 -20.49
C VAL A 116 7.70 -13.08 -21.68
N THR A 117 8.91 -12.62 -21.41
CA THR A 117 9.87 -12.23 -22.44
C THR A 117 11.23 -12.73 -21.99
N LEU A 118 11.97 -13.38 -22.90
CA LEU A 118 13.28 -13.93 -22.59
C LEU A 118 14.29 -13.36 -23.58
N PHE A 119 15.35 -12.75 -23.03
CA PHE A 119 16.42 -12.14 -23.81
C PHE A 119 17.67 -12.99 -23.71
N PRO A 120 18.35 -13.29 -24.81
CA PRO A 120 19.60 -14.04 -24.73
C PRO A 120 20.76 -13.16 -24.33
N PRO A 121 21.93 -13.73 -24.06
CA PRO A 121 23.09 -12.89 -23.72
C PRO A 121 23.43 -11.94 -24.86
N SER A 122 23.81 -10.73 -24.50
CA SER A 122 24.22 -9.74 -25.49
C SER A 122 25.64 -10.03 -25.97
N SER A 123 25.87 -9.81 -27.26
CA SER A 123 27.22 -9.96 -27.79
C SER A 123 28.23 -9.14 -27.00
N GLU A 124 27.78 -8.02 -26.41
CA GLU A 124 28.65 -7.19 -25.60
C GLU A 124 28.92 -7.77 -24.21
N GLU A 125 28.02 -8.63 -23.72
CA GLU A 125 28.24 -9.31 -22.45
C GLU A 125 29.08 -10.57 -22.64
N LEU A 126 28.86 -11.27 -23.74
CA LEU A 126 29.81 -12.31 -24.14
C LEU A 126 31.22 -11.74 -24.26
N GLN A 127 31.33 -10.49 -24.73
CA GLN A 127 32.62 -9.82 -24.80
C GLN A 127 33.40 -9.96 -23.50
N ALA A 128 32.76 -9.66 -22.37
CA ALA A 128 33.40 -9.70 -21.07
C ALA A 128 33.47 -11.12 -20.48
N ASN A 129 33.40 -12.15 -21.33
CA ASN A 129 33.48 -13.54 -20.87
C ASN A 129 32.39 -13.82 -19.83
N LYS A 130 31.17 -13.42 -20.14
CA LYS A 130 30.01 -13.66 -19.30
C LYS A 130 28.80 -13.94 -20.18
N ALA A 131 27.71 -14.31 -19.55
CA ALA A 131 26.47 -14.62 -20.27
C ALA A 131 25.31 -14.69 -19.28
N THR A 132 24.30 -13.85 -19.49
CA THR A 132 23.16 -13.77 -18.58
C THR A 132 21.88 -13.79 -19.39
N LEU A 133 21.02 -14.77 -19.13
CA LEU A 133 19.71 -14.85 -19.74
C LEU A 133 18.69 -14.13 -18.86
N VAL A 134 17.90 -13.25 -19.47
CA VAL A 134 16.96 -12.39 -18.75
C VAL A 134 15.55 -12.82 -19.11
N CYS A 135 14.82 -13.32 -18.12
CA CYS A 135 13.44 -13.77 -18.30
C CYS A 135 12.53 -12.87 -17.47
N LEU A 136 11.70 -12.09 -18.14
CA LEU A 136 10.88 -11.06 -17.52
C LEU A 136 9.41 -11.47 -17.57
N VAL A 137 8.78 -11.56 -16.40
CA VAL A 137 7.41 -12.01 -16.23
C VAL A 137 6.58 -10.82 -15.76
N SER A 138 5.42 -10.60 -16.39
CA SER A 138 4.67 -9.39 -16.10
C SER A 138 3.18 -9.60 -16.33
N ASP A 139 2.38 -8.82 -15.59
CA ASP A 139 0.95 -8.65 -15.81
C ASP A 139 0.14 -9.86 -15.35
N PHE A 140 0.54 -10.48 -14.24
CA PHE A 140 -0.18 -11.64 -13.72
C PHE A 140 -0.80 -11.34 -12.36
N TYR A 141 -1.79 -12.15 -12.00
CA TYR A 141 -2.56 -12.07 -10.77
C TYR A 141 -3.18 -13.43 -10.50
N PRO A 142 -3.07 -13.98 -9.28
CA PRO A 142 -2.45 -13.44 -8.08
C PRO A 142 -0.94 -13.30 -8.21
N GLY A 143 -0.30 -12.64 -7.24
CA GLY A 143 1.13 -12.49 -7.25
C GLY A 143 1.84 -13.72 -6.72
N ALA A 144 1.88 -14.78 -7.53
CA ALA A 144 2.52 -16.03 -7.12
C ALA A 144 2.87 -16.79 -8.38
N VAL A 145 4.16 -16.94 -8.66
CA VAL A 145 4.62 -17.67 -9.83
C VAL A 145 5.82 -18.54 -9.45
N THR A 146 5.97 -19.65 -10.17
CA THR A 146 7.14 -20.50 -10.11
C THR A 146 7.92 -20.30 -11.41
N VAL A 147 9.23 -20.11 -11.31
CA VAL A 147 10.08 -19.96 -12.48
C VAL A 147 11.08 -21.11 -12.49
N ALA A 148 11.23 -21.74 -13.65
CA ALA A 148 12.13 -22.86 -13.83
C ALA A 148 12.88 -22.67 -15.14
N TRP A 149 14.13 -23.11 -15.15
CA TRP A 149 15.01 -22.99 -16.31
C TRP A 149 15.33 -24.37 -16.84
N LYS A 150 15.60 -24.46 -18.14
CA LYS A 150 15.78 -25.77 -18.77
C LYS A 150 16.71 -25.65 -19.97
N ALA A 151 17.93 -26.15 -19.81
CA ALA A 151 18.92 -26.19 -20.88
C ALA A 151 18.74 -27.45 -21.72
N ASP A 152 18.62 -27.27 -23.03
CA ASP A 152 18.30 -28.37 -23.94
C ASP A 152 16.98 -29.01 -23.53
N GLY A 153 17.03 -29.93 -22.57
CA GLY A 153 15.82 -30.51 -22.02
C GLY A 153 15.87 -30.80 -20.54
N SER A 154 17.03 -30.58 -19.91
CA SER A 154 17.25 -30.87 -18.50
C SER A 154 17.11 -29.61 -17.67
N PRO A 155 16.80 -29.74 -16.38
CA PRO A 155 16.66 -28.55 -15.54
C PRO A 155 18.01 -28.04 -15.05
N VAL A 156 18.06 -26.72 -14.87
CA VAL A 156 19.24 -26.04 -14.34
C VAL A 156 18.81 -25.26 -13.10
N LYS A 157 19.54 -25.46 -12.00
CA LYS A 157 19.24 -24.79 -10.74
C LYS A 157 20.42 -24.00 -10.16
N VAL A 158 21.62 -24.14 -10.72
CA VAL A 158 22.75 -23.30 -10.34
C VAL A 158 22.80 -22.09 -11.25
N GLY A 159 23.15 -20.94 -10.69
CA GLY A 159 23.22 -19.71 -11.45
C GLY A 159 21.92 -18.97 -11.59
N VAL A 160 20.83 -19.50 -11.04
CA VAL A 160 19.50 -18.87 -11.13
C VAL A 160 19.30 -17.96 -9.94
N GLU A 161 18.77 -16.77 -10.20
CA GLU A 161 18.37 -15.84 -9.14
C GLU A 161 17.10 -15.14 -9.58
N THR A 162 16.03 -15.31 -8.80
CA THR A 162 14.69 -14.83 -9.14
C THR A 162 14.21 -13.87 -8.06
N THR A 163 13.33 -12.96 -8.45
CA THR A 163 12.87 -11.90 -7.56
C THR A 163 11.59 -12.30 -6.84
N LYS A 164 11.24 -11.51 -5.83
CA LYS A 164 9.89 -11.52 -5.30
C LYS A 164 8.93 -10.97 -6.35
N PRO A 165 7.71 -11.48 -6.43
CA PRO A 165 6.70 -10.80 -7.25
C PRO A 165 6.32 -9.47 -6.60
N SER A 166 6.30 -8.42 -7.41
CA SER A 166 6.04 -7.06 -6.91
C SER A 166 4.91 -6.44 -7.72
N LYS A 167 3.97 -5.82 -7.02
CA LYS A 167 2.85 -5.16 -7.67
C LYS A 167 3.34 -4.05 -8.59
N GLN A 168 2.58 -3.80 -9.65
CA GLN A 168 2.86 -2.73 -10.60
C GLN A 168 1.80 -1.64 -10.49
N SER A 169 1.86 -0.68 -11.41
CA SER A 169 0.89 0.41 -11.42
C SER A 169 -0.51 -0.08 -11.77
N ASN A 170 -0.60 -1.13 -12.59
CA ASN A 170 -1.90 -1.68 -12.98
C ASN A 170 -2.46 -2.65 -11.96
N ASN A 171 -1.80 -2.83 -10.81
CA ASN A 171 -2.19 -3.71 -9.72
C ASN A 171 -1.99 -5.18 -10.04
N LYS A 172 -1.41 -5.51 -11.19
CA LYS A 172 -0.93 -6.86 -11.46
C LYS A 172 0.52 -6.95 -10.99
N TYR A 173 1.13 -8.11 -11.12
CA TYR A 173 2.43 -8.37 -10.52
C TYR A 173 3.50 -8.66 -11.57
N ALA A 174 4.74 -8.32 -11.22
CA ALA A 174 5.89 -8.52 -12.08
C ALA A 174 6.97 -9.29 -11.32
N ALA A 175 7.82 -9.96 -12.08
CA ALA A 175 8.95 -10.69 -11.52
C ALA A 175 9.98 -10.90 -12.63
N SER A 176 11.24 -10.99 -12.23
CA SER A 176 12.33 -11.24 -13.17
C SER A 176 13.16 -12.42 -12.68
N SER A 177 13.80 -13.09 -13.63
CA SER A 177 14.64 -14.26 -13.35
C SER A 177 15.88 -14.20 -14.21
N TYR A 178 17.05 -14.30 -13.59
CA TYR A 178 18.33 -14.22 -14.28
C TYR A 178 19.07 -15.53 -14.10
N LEU A 179 19.56 -16.10 -15.21
CA LEU A 179 20.40 -17.30 -15.18
C LEU A 179 21.77 -16.93 -15.72
N SER A 180 22.79 -17.01 -14.87
CA SER A 180 24.16 -16.66 -15.24
C SER A 180 24.85 -17.90 -15.81
N LEU A 181 25.37 -17.77 -17.01
CA LEU A 181 26.08 -18.83 -17.70
C LEU A 181 27.50 -18.37 -18.01
N THR A 182 28.37 -19.35 -18.28
CA THR A 182 29.62 -19.03 -18.95
C THR A 182 29.40 -19.00 -20.45
N PRO A 183 30.21 -18.23 -21.19
CA PRO A 183 30.05 -18.23 -22.67
C PRO A 183 30.18 -19.61 -23.28
N GLU A 184 30.88 -20.55 -22.61
CA GLU A 184 30.98 -21.90 -23.13
C GLU A 184 29.66 -22.65 -22.98
N GLN A 185 29.08 -22.63 -21.78
CA GLN A 185 27.79 -23.28 -21.57
C GLN A 185 26.71 -22.70 -22.47
N TRP A 186 26.83 -21.42 -22.82
CA TRP A 186 25.86 -20.80 -23.70
C TRP A 186 25.84 -21.50 -25.06
N LYS A 187 26.96 -21.45 -25.78
CA LYS A 187 27.06 -22.13 -27.07
C LYS A 187 27.10 -23.65 -26.93
N SER A 188 27.18 -24.17 -25.70
CA SER A 188 27.17 -25.61 -25.49
C SER A 188 25.88 -26.23 -25.99
N HIS A 189 24.75 -25.74 -25.50
CA HIS A 189 23.46 -26.36 -25.72
C HIS A 189 22.78 -25.79 -26.96
N ARG A 190 21.75 -26.50 -27.41
CA ARG A 190 20.95 -26.07 -28.55
C ARG A 190 19.74 -25.24 -28.15
N SER A 191 19.37 -25.25 -26.86
CA SER A 191 18.17 -24.56 -26.41
C SER A 191 18.33 -24.14 -24.96
N TYR A 192 17.62 -23.08 -24.59
CA TYR A 192 17.52 -22.62 -23.21
C TYR A 192 16.12 -22.04 -23.03
N SER A 193 15.40 -22.51 -22.02
CA SER A 193 14.00 -22.16 -21.86
C SER A 193 13.72 -21.60 -20.48
N CYS A 194 12.88 -20.57 -20.43
CA CYS A 194 12.32 -20.04 -19.19
C CYS A 194 10.88 -20.54 -19.09
N ARG A 195 10.60 -21.40 -18.12
CA ARG A 195 9.27 -21.94 -17.89
C ARG A 195 8.67 -21.27 -16.66
N VAL A 196 7.53 -20.62 -16.84
CA VAL A 196 6.86 -19.89 -15.77
C VAL A 196 5.50 -20.53 -15.52
N THR A 197 5.31 -21.10 -14.33
CA THR A 197 4.06 -21.72 -13.92
C THR A 197 3.26 -20.75 -13.07
N HIS A 198 1.95 -20.71 -13.31
CA HIS A 198 1.08 -19.77 -12.62
C HIS A 198 -0.34 -20.33 -12.61
N GLU A 199 -0.90 -20.49 -11.41
CA GLU A 199 -2.26 -21.02 -11.23
C GLU A 199 -2.48 -22.27 -12.06
N GLY A 200 -1.57 -23.24 -11.90
CA GLY A 200 -1.69 -24.52 -12.56
C GLY A 200 -1.25 -24.55 -14.00
N SER A 201 -1.14 -23.40 -14.66
CA SER A 201 -0.83 -23.32 -16.08
C SER A 201 0.57 -22.75 -16.29
N THR A 202 1.10 -23.01 -17.47
CA THR A 202 2.50 -22.74 -17.76
C THR A 202 2.65 -21.96 -19.07
N VAL A 203 3.55 -20.98 -19.05
CA VAL A 203 3.99 -20.28 -20.24
C VAL A 203 5.50 -20.47 -20.34
N GLU A 204 5.97 -20.90 -21.50
CA GLU A 204 7.39 -21.18 -21.68
C GLU A 204 7.92 -20.50 -22.93
N LYS A 205 9.03 -19.81 -22.77
CA LYS A 205 9.70 -19.11 -23.87
C LYS A 205 11.08 -19.73 -24.07
N THR A 206 11.51 -19.80 -25.32
CA THR A 206 12.77 -20.45 -25.66
C THR A 206 13.67 -19.51 -26.45
N VAL A 207 14.97 -19.69 -26.29
CA VAL A 207 15.98 -19.00 -27.08
C VAL A 207 17.09 -19.98 -27.40
N ALA A 208 17.70 -19.82 -28.58
CA ALA A 208 18.79 -20.68 -29.01
C ALA A 208 19.94 -19.82 -29.51
N PRO A 209 21.20 -20.22 -29.24
CA PRO A 209 22.36 -19.48 -29.75
C PRO A 209 22.32 -19.28 -31.27
N GLU B 1 2.05 -6.54 26.53
CA GLU B 1 2.84 -6.77 27.77
C GLU B 1 3.83 -7.93 27.64
N VAL B 2 4.09 -8.36 26.41
CA VAL B 2 5.12 -9.36 26.11
C VAL B 2 5.81 -8.90 24.84
N GLN B 3 7.13 -8.72 24.90
CA GLN B 3 7.82 -8.25 23.70
C GLN B 3 9.22 -8.84 23.60
N LEU B 4 9.66 -8.98 22.36
CA LEU B 4 10.91 -9.64 21.99
C LEU B 4 11.56 -8.78 20.92
N VAL B 5 12.69 -8.16 21.24
CA VAL B 5 13.34 -7.20 20.35
C VAL B 5 14.74 -7.71 20.04
N GLU B 6 14.98 -8.07 18.79
CA GLU B 6 16.27 -8.59 18.37
C GLU B 6 17.21 -7.46 17.98
N SER B 7 18.50 -7.72 18.14
CA SER B 7 19.55 -6.77 17.76
C SER B 7 20.74 -7.55 17.24
N GLY B 8 21.59 -6.84 16.48
CA GLY B 8 22.84 -7.39 16.00
C GLY B 8 22.91 -7.64 14.51
N GLY B 9 21.83 -7.39 13.77
CA GLY B 9 21.87 -7.62 12.34
C GLY B 9 22.64 -6.54 11.61
N GLY B 10 23.31 -6.95 10.54
CA GLY B 10 24.11 -6.05 9.74
C GLY B 10 24.72 -6.74 8.54
N LEU B 11 25.84 -6.22 8.05
CA LEU B 11 26.56 -6.83 6.94
C LEU B 11 27.83 -7.50 7.46
N VAL B 12 28.16 -8.65 6.87
CA VAL B 12 29.37 -9.39 7.26
C VAL B 12 29.93 -10.07 6.02
N LYS B 13 31.25 -10.26 6.02
CA LYS B 13 31.89 -10.96 4.92
C LYS B 13 31.67 -12.47 5.06
N PRO B 14 31.60 -13.19 3.95
CA PRO B 14 31.61 -14.66 4.04
C PRO B 14 32.77 -15.14 4.89
N GLY B 15 32.48 -16.09 5.78
CA GLY B 15 33.47 -16.58 6.71
C GLY B 15 33.66 -15.75 7.96
N GLY B 16 33.15 -14.53 7.98
CA GLY B 16 33.13 -13.74 9.19
C GLY B 16 32.13 -14.30 10.19
N SER B 17 31.86 -13.50 11.22
CA SER B 17 30.98 -13.95 12.28
C SER B 17 30.16 -12.78 12.80
N LEU B 18 29.06 -13.11 13.46
CA LEU B 18 28.19 -12.11 14.07
C LEU B 18 27.52 -12.74 15.29
N ARG B 19 26.93 -11.89 16.11
CA ARG B 19 26.26 -12.33 17.33
C ARG B 19 24.96 -11.54 17.49
N LEU B 20 23.83 -12.24 17.43
CA LEU B 20 22.54 -11.61 17.58
C LEU B 20 22.09 -11.65 19.04
N SER B 21 21.28 -10.67 19.42
CA SER B 21 20.68 -10.59 20.74
C SER B 21 19.16 -10.57 20.61
N CYS B 22 18.50 -11.07 21.65
CA CYS B 22 17.05 -10.93 21.78
C CYS B 22 16.77 -10.55 23.23
N ALA B 23 16.22 -9.36 23.43
CA ALA B 23 15.90 -8.86 24.77
C ALA B 23 14.42 -9.09 25.03
N ALA B 24 14.12 -9.89 26.06
CA ALA B 24 12.77 -10.31 26.37
C ALA B 24 12.26 -9.57 27.60
N SER B 25 11.00 -9.16 27.56
CA SER B 25 10.36 -8.46 28.67
C SER B 25 8.91 -8.90 28.79
N GLY B 26 8.36 -8.73 29.99
CA GLY B 26 6.95 -8.97 30.21
C GLY B 26 6.57 -10.41 30.47
N PHE B 27 7.54 -11.29 30.69
CA PHE B 27 7.26 -12.68 31.03
C PHE B 27 8.52 -13.25 31.68
N SER B 28 8.33 -14.02 32.76
CA SER B 28 9.47 -14.54 33.49
C SER B 28 10.35 -15.36 32.55
N PHE B 29 11.35 -14.68 31.97
CA PHE B 29 12.18 -15.27 30.92
C PHE B 29 12.79 -16.61 31.32
N SER B 30 13.13 -16.78 32.60
CA SER B 30 13.97 -17.90 33.00
C SER B 30 13.27 -19.26 32.92
N GLU B 31 11.96 -19.29 32.71
CA GLU B 31 11.20 -20.55 32.68
C GLU B 31 10.43 -20.68 31.37
N TYR B 32 11.12 -20.44 30.26
CA TYR B 32 10.52 -20.58 28.94
C TYR B 32 11.61 -20.99 27.95
N ARG B 33 11.27 -21.93 27.07
CA ARG B 33 12.16 -22.32 26.00
C ARG B 33 12.15 -21.26 24.92
N MET B 34 13.34 -20.79 24.52
CA MET B 34 13.48 -19.79 23.47
C MET B 34 14.04 -20.43 22.20
N ASN B 35 13.74 -19.81 21.06
CA ASN B 35 14.17 -20.32 19.77
C ASN B 35 14.66 -19.18 18.89
N TRP B 36 15.41 -19.55 17.85
CA TRP B 36 15.74 -18.66 16.75
C TRP B 36 15.14 -19.23 15.47
N VAL B 37 14.44 -18.39 14.73
CA VAL B 37 13.87 -18.75 13.43
C VAL B 37 14.27 -17.68 12.43
N ARG B 38 14.77 -18.12 11.27
CA ARG B 38 15.23 -17.20 10.24
C ARG B 38 14.41 -17.40 8.97
N GLN B 39 14.50 -16.42 8.08
CA GLN B 39 13.71 -16.42 6.85
C GLN B 39 14.47 -15.66 5.78
N ALA B 40 15.02 -16.38 4.82
CA ALA B 40 15.70 -15.74 3.70
C ALA B 40 14.69 -14.92 2.90
N PRO B 41 15.16 -13.90 2.16
CA PRO B 41 14.23 -13.04 1.43
C PRO B 41 13.38 -13.85 0.46
N GLY B 42 12.06 -13.64 0.53
CA GLY B 42 11.15 -14.28 -0.38
C GLY B 42 10.99 -15.78 -0.21
N LYS B 43 11.58 -16.37 0.82
CA LYS B 43 11.49 -17.80 1.07
C LYS B 43 10.78 -18.04 2.40
N GLY B 44 10.69 -19.32 2.78
CA GLY B 44 9.89 -19.71 3.93
C GLY B 44 10.65 -19.70 5.24
N LEU B 45 9.91 -19.94 6.32
CA LEU B 45 10.49 -19.96 7.65
C LEU B 45 11.34 -21.21 7.84
N GLU B 46 12.39 -21.09 8.64
CA GLU B 46 13.33 -22.18 8.90
C GLU B 46 13.74 -22.11 10.35
N TRP B 47 13.42 -23.14 11.13
CA TRP B 47 13.90 -23.22 12.50
C TRP B 47 15.41 -23.42 12.51
N VAL B 48 16.09 -22.74 13.44
CA VAL B 48 17.55 -22.70 13.48
C VAL B 48 18.10 -23.32 14.75
N SER B 49 17.61 -22.89 15.92
CA SER B 49 18.15 -23.39 17.17
C SER B 49 17.13 -23.16 18.28
N PHE B 50 17.25 -23.97 19.32
CA PHE B 50 16.42 -23.82 20.52
C PHE B 50 17.29 -24.07 21.75
N ILE B 51 16.95 -23.39 22.82
CA ILE B 51 17.59 -23.57 24.13
C ILE B 51 16.49 -23.62 25.17
N SER B 52 16.62 -24.54 26.13
CA SER B 52 15.57 -24.75 27.11
C SER B 52 15.69 -23.73 28.24
N SER B 53 14.74 -23.81 29.19
CA SER B 53 14.64 -22.81 30.24
C SER B 53 15.99 -22.57 30.92
N SER B 54 16.72 -23.63 31.22
CA SER B 54 18.00 -23.52 31.92
C SER B 54 19.21 -23.51 30.99
N GLY B 55 19.10 -24.15 29.83
CA GLY B 55 20.24 -24.35 28.96
C GLY B 55 20.77 -25.76 28.94
N THR B 56 20.12 -26.70 29.64
CA THR B 56 20.55 -28.09 29.64
C THR B 56 20.39 -28.71 28.27
N TYR B 57 19.30 -28.41 27.58
CA TYR B 57 18.98 -29.02 26.29
C TYR B 57 19.17 -27.99 25.19
N ILE B 58 19.90 -28.37 24.14
CA ILE B 58 20.24 -27.47 23.05
C ILE B 58 20.30 -28.27 21.76
N ASP B 59 19.68 -27.75 20.70
CA ASP B 59 19.72 -28.40 19.40
C ASP B 59 19.89 -27.34 18.32
N TYR B 60 20.30 -27.81 17.14
CA TYR B 60 20.50 -26.95 15.99
C TYR B 60 19.97 -27.65 14.76
N ALA B 61 19.51 -26.85 13.80
CA ALA B 61 19.24 -27.39 12.47
C ALA B 61 20.56 -27.80 11.83
N ASP B 62 20.53 -28.88 11.06
CA ASP B 62 21.74 -29.31 10.36
C ASP B 62 22.35 -28.16 9.57
N SER B 63 21.52 -27.26 9.04
CA SER B 63 22.00 -26.14 8.25
C SER B 63 23.11 -25.39 8.97
N VAL B 64 22.91 -25.07 10.24
CA VAL B 64 23.82 -24.22 11.00
C VAL B 64 24.64 -24.99 12.01
N LYS B 65 24.47 -26.31 12.11
CA LYS B 65 25.19 -27.09 13.10
C LYS B 65 26.69 -26.85 12.97
N GLY B 66 27.36 -26.75 14.12
CA GLY B 66 28.79 -26.59 14.18
C GLY B 66 29.28 -25.15 14.10
N ARG B 67 28.56 -24.29 13.38
CA ARG B 67 28.95 -22.90 13.21
C ARG B 67 28.23 -21.94 14.13
N PHE B 68 26.98 -22.22 14.49
CA PHE B 68 26.20 -21.37 15.38
C PHE B 68 26.20 -21.94 16.80
N THR B 69 26.08 -21.06 17.78
CA THR B 69 25.98 -21.47 19.17
C THR B 69 25.02 -20.53 19.90
N ILE B 70 23.93 -21.10 20.42
CA ILE B 70 22.89 -20.36 21.10
C ILE B 70 23.19 -20.32 22.60
N SER B 71 22.85 -19.19 23.23
CA SER B 71 23.08 -19.01 24.66
C SER B 71 22.04 -18.06 25.20
N ARG B 72 21.81 -18.14 26.52
CA ARG B 72 20.84 -17.28 27.17
C ARG B 72 21.38 -16.80 28.52
N ASP B 73 20.98 -15.58 28.88
CA ASP B 73 21.31 -14.97 30.16
C ASP B 73 19.99 -14.74 30.90
N ASN B 74 19.68 -15.63 31.84
CA ASN B 74 18.40 -15.55 32.54
C ASN B 74 18.38 -14.52 33.66
N VAL B 75 19.51 -13.89 33.95
CA VAL B 75 19.54 -12.79 34.92
C VAL B 75 19.15 -11.48 34.25
N ASN B 76 19.64 -11.24 33.04
CA ASN B 76 19.30 -10.06 32.26
C ASN B 76 18.13 -10.30 31.30
N ASN B 77 17.60 -11.52 31.26
CA ASN B 77 16.50 -11.88 30.36
C ASN B 77 16.86 -11.55 28.91
N SER B 78 17.88 -12.25 28.42
CA SER B 78 18.37 -12.05 27.06
C SER B 78 18.73 -13.39 26.45
N LEU B 79 18.58 -13.48 25.14
CA LEU B 79 18.99 -14.64 24.35
C LEU B 79 20.01 -14.19 23.31
N TYR B 80 20.95 -15.08 23.00
CA TYR B 80 22.04 -14.77 22.09
C TYR B 80 22.22 -15.89 21.08
N LEU B 81 22.75 -15.54 19.92
CA LEU B 81 23.10 -16.51 18.88
C LEU B 81 24.42 -16.07 18.26
N GLN B 82 25.48 -16.82 18.55
CA GLN B 82 26.79 -16.54 17.97
C GLN B 82 26.91 -17.33 16.67
N MET B 83 27.11 -16.61 15.56
CA MET B 83 27.12 -17.20 14.23
C MET B 83 28.52 -17.01 13.64
N ASN B 84 29.21 -18.12 13.41
CA ASN B 84 30.56 -18.11 12.88
C ASN B 84 30.60 -18.69 11.47
N ASN B 85 31.66 -18.36 10.74
CA ASN B 85 31.89 -18.82 9.38
C ASN B 85 30.62 -18.72 8.54
N LEU B 86 30.11 -17.50 8.46
CA LEU B 86 28.84 -17.26 7.76
C LEU B 86 29.03 -17.40 6.26
N ARG B 87 28.02 -17.99 5.62
CA ARG B 87 27.96 -18.17 4.18
C ARG B 87 26.84 -17.30 3.62
N ALA B 88 26.66 -17.36 2.30
CA ALA B 88 25.62 -16.56 1.66
C ALA B 88 24.22 -17.04 2.08
N GLY B 89 24.03 -18.35 2.16
CA GLY B 89 22.73 -18.90 2.53
C GLY B 89 22.27 -18.51 3.92
N ASP B 90 23.18 -17.97 4.76
CA ASP B 90 22.79 -17.50 6.08
C ASP B 90 22.07 -16.17 6.03
N THR B 91 22.18 -15.44 4.92
CA THR B 91 21.44 -14.19 4.76
C THR B 91 19.96 -14.43 4.97
N ALA B 92 19.37 -13.74 5.94
CA ALA B 92 17.96 -13.90 6.26
C ALA B 92 17.61 -12.98 7.42
N VAL B 93 16.31 -12.82 7.63
CA VAL B 93 15.80 -12.09 8.78
C VAL B 93 15.66 -13.07 9.94
N TYR B 94 16.39 -12.82 11.03
CA TYR B 94 16.41 -13.71 12.17
C TYR B 94 15.40 -13.23 13.21
N TYR B 95 14.56 -14.15 13.67
CA TYR B 95 13.57 -13.90 14.71
C TYR B 95 13.95 -14.69 15.96
N CYS B 96 13.63 -14.14 17.13
CA CYS B 96 13.65 -14.90 18.36
C CYS B 96 12.21 -15.20 18.73
N ALA B 97 11.93 -16.48 19.00
CA ALA B 97 10.57 -16.95 19.23
C ALA B 97 10.50 -17.65 20.57
N ARG B 98 9.45 -17.38 21.32
CA ARG B 98 9.22 -18.06 22.59
C ARG B 98 8.58 -19.42 22.32
N GLY B 99 9.12 -20.45 22.97
CA GLY B 99 8.61 -21.80 22.81
C GLY B 99 7.59 -22.15 23.86
N MET B 100 6.57 -22.91 23.45
CA MET B 100 5.55 -23.40 24.36
C MET B 100 5.13 -24.79 23.91
N GLY B 101 4.79 -25.63 24.87
CA GLY B 101 4.43 -27.00 24.61
C GLY B 101 5.47 -27.97 25.15
N ILE B 102 5.01 -29.12 25.62
CA ILE B 102 5.89 -30.11 26.24
C ILE B 102 6.30 -31.14 25.21
N ALA B 103 5.34 -31.99 24.79
CA ALA B 103 5.65 -33.07 23.87
C ALA B 103 5.55 -32.64 22.41
N VAL B 104 4.64 -31.72 22.09
CA VAL B 104 4.52 -31.15 20.76
C VAL B 104 4.52 -29.64 20.91
N ARG B 105 5.47 -28.98 20.24
CA ARG B 105 5.91 -27.64 20.62
C ARG B 105 5.62 -26.64 19.51
N ARG B 106 5.48 -25.37 19.91
CA ARG B 106 5.05 -24.29 19.04
C ARG B 106 5.85 -23.04 19.37
N PHE B 107 5.58 -21.96 18.64
CA PHE B 107 6.20 -20.66 18.84
C PHE B 107 5.07 -19.64 18.99
N ASP B 108 4.79 -19.22 20.22
CA ASP B 108 3.61 -18.40 20.48
C ASP B 108 3.84 -16.92 20.29
N TYR B 109 5.05 -16.42 20.57
CA TYR B 109 5.36 -15.00 20.48
C TYR B 109 6.64 -14.79 19.70
N TRP B 110 6.65 -13.78 18.84
CA TRP B 110 7.76 -13.52 17.93
C TRP B 110 8.15 -12.05 17.98
N GLY B 111 9.44 -11.79 17.84
CA GLY B 111 9.92 -10.45 17.64
C GLY B 111 9.76 -10.01 16.20
N GLN B 112 10.13 -8.75 15.93
CA GLN B 112 10.01 -8.23 14.58
C GLN B 112 11.14 -8.70 13.68
N GLY B 113 12.30 -9.02 14.25
CA GLY B 113 13.37 -9.62 13.50
C GLY B 113 14.50 -8.63 13.23
N THR B 114 15.67 -9.19 12.97
CA THR B 114 16.86 -8.42 12.62
C THR B 114 17.46 -9.03 11.37
N LEU B 115 17.91 -8.17 10.46
CA LEU B 115 18.39 -8.62 9.15
C LEU B 115 19.89 -8.88 9.20
N VAL B 116 20.28 -10.09 8.82
CA VAL B 116 21.69 -10.47 8.67
C VAL B 116 21.96 -10.66 7.20
N SER B 117 22.96 -9.95 6.67
CA SER B 117 23.26 -9.92 5.25
C SER B 117 24.74 -10.21 5.07
N VAL B 118 25.07 -11.37 4.50
CA VAL B 118 26.45 -11.79 4.31
C VAL B 118 26.79 -11.61 2.84
N SER B 119 27.72 -10.69 2.56
CA SER B 119 28.02 -10.29 1.20
C SER B 119 29.45 -9.79 1.10
N SER B 120 30.11 -10.15 0.00
CA SER B 120 31.39 -9.54 -0.39
C SER B 120 31.11 -8.37 -1.33
N ALA B 121 30.32 -7.42 -0.84
CA ALA B 121 29.72 -6.39 -1.68
C ALA B 121 30.14 -5.01 -1.21
N SER B 122 30.58 -4.19 -2.16
CA SER B 122 30.97 -2.81 -1.91
C SER B 122 30.44 -1.96 -3.05
N THR B 123 30.41 -0.65 -2.83
CA THR B 123 29.88 0.27 -3.83
C THR B 123 30.50 -0.06 -5.19
N LYS B 124 29.64 -0.33 -6.17
CA LYS B 124 30.09 -0.77 -7.48
C LYS B 124 29.08 -0.31 -8.52
N GLY B 125 29.58 0.33 -9.58
CA GLY B 125 28.74 0.78 -10.65
C GLY B 125 28.33 -0.36 -11.55
N PRO B 126 27.20 -0.20 -12.26
CA PRO B 126 26.67 -1.31 -13.04
C PRO B 126 27.35 -1.45 -14.39
N SER B 127 27.33 -2.68 -14.90
CA SER B 127 27.61 -2.94 -16.30
C SER B 127 26.30 -2.95 -17.06
N VAL B 128 26.17 -2.05 -18.04
CA VAL B 128 24.92 -1.87 -18.77
C VAL B 128 25.08 -2.52 -20.14
N PHE B 129 24.25 -3.53 -20.39
CA PHE B 129 24.29 -4.27 -21.65
C PHE B 129 22.97 -4.11 -22.40
N PRO B 130 23.01 -4.02 -23.73
CA PRO B 130 21.76 -3.87 -24.48
C PRO B 130 21.04 -5.19 -24.67
N LEU B 131 19.72 -5.15 -24.59
CA LEU B 131 18.85 -6.30 -24.82
C LEU B 131 18.11 -6.03 -26.13
N ALA B 132 18.71 -6.45 -27.23
CA ALA B 132 18.19 -6.11 -28.54
C ALA B 132 16.89 -6.88 -28.83
N PRO B 133 16.03 -6.34 -29.68
CA PRO B 133 14.74 -7.00 -29.94
C PRO B 133 14.91 -8.27 -30.76
N SER B 134 14.10 -9.27 -30.45
CA SER B 134 14.18 -10.56 -31.12
C SER B 134 13.77 -10.43 -32.58
N SER B 135 14.52 -11.13 -33.45
CA SER B 135 14.27 -11.07 -34.89
C SER B 135 12.94 -11.71 -35.29
N LYS B 136 12.29 -12.45 -34.39
CA LYS B 136 10.98 -13.02 -34.71
C LYS B 136 9.88 -11.97 -34.66
N SER B 137 9.98 -11.01 -33.75
CA SER B 137 9.00 -9.93 -33.65
C SER B 137 9.42 -8.69 -34.44
N THR B 138 10.57 -8.71 -35.12
CA THR B 138 11.03 -7.55 -35.87
C THR B 138 10.16 -7.25 -37.07
N SER B 139 9.38 -8.23 -37.55
CA SER B 139 8.60 -8.08 -38.77
C SER B 139 7.19 -7.55 -38.52
N GLY B 140 6.76 -7.45 -37.28
CA GLY B 140 5.34 -7.30 -36.97
C GLY B 140 4.95 -5.90 -36.56
N GLY B 141 4.06 -5.81 -35.58
CA GLY B 141 3.54 -4.54 -35.13
C GLY B 141 4.26 -4.02 -33.91
N THR B 142 4.85 -4.92 -33.13
CA THR B 142 5.47 -4.52 -31.88
C THR B 142 6.68 -5.40 -31.59
N ALA B 143 7.68 -4.79 -30.95
CA ALA B 143 8.88 -5.49 -30.50
C ALA B 143 9.24 -4.97 -29.11
N ALA B 144 10.10 -5.72 -28.43
CA ALA B 144 10.51 -5.39 -27.07
C ALA B 144 12.03 -5.35 -26.99
N LEU B 145 12.59 -4.14 -26.87
CA LEU B 145 14.00 -3.94 -26.59
C LEU B 145 14.17 -3.55 -25.12
N GLY B 146 15.41 -3.58 -24.65
CA GLY B 146 15.62 -3.24 -23.25
C GLY B 146 17.08 -3.03 -22.93
N CYS B 147 17.34 -2.97 -21.62
CA CYS B 147 18.68 -2.77 -21.08
C CYS B 147 18.83 -3.62 -19.83
N LEU B 148 19.99 -4.28 -19.73
CA LEU B 148 20.34 -5.05 -18.53
C LEU B 148 21.36 -4.25 -17.73
N VAL B 149 21.02 -3.96 -16.48
CA VAL B 149 21.85 -3.16 -15.59
C VAL B 149 22.36 -4.10 -14.51
N LYS B 150 23.59 -4.59 -14.67
CA LYS B 150 24.09 -5.75 -13.93
C LYS B 150 25.09 -5.36 -12.85
N ASP B 151 25.10 -6.16 -11.79
CA ASP B 151 26.11 -6.11 -10.73
C ASP B 151 26.42 -4.70 -10.28
N TYR B 152 25.57 -4.12 -9.44
CA TYR B 152 25.82 -2.79 -8.88
C TYR B 152 25.41 -2.79 -7.42
N PHE B 153 25.93 -1.80 -6.67
CA PHE B 153 25.70 -1.70 -5.25
C PHE B 153 26.05 -0.30 -4.79
N PRO B 154 25.28 0.31 -3.88
CA PRO B 154 23.99 -0.13 -3.36
C PRO B 154 22.87 0.36 -4.26
N GLU B 155 21.62 0.16 -3.86
CA GLU B 155 20.52 0.82 -4.53
C GLU B 155 20.62 2.32 -4.26
N PRO B 156 19.97 3.15 -5.09
CA PRO B 156 19.16 2.77 -6.24
C PRO B 156 19.83 3.02 -7.59
N VAL B 157 19.13 2.65 -8.64
CA VAL B 157 19.50 3.03 -10.01
C VAL B 157 18.28 3.72 -10.62
N THR B 158 18.54 4.70 -11.46
CA THR B 158 17.51 5.40 -12.21
C THR B 158 17.65 5.03 -13.68
N VAL B 159 16.54 4.66 -14.30
CA VAL B 159 16.52 4.30 -15.72
C VAL B 159 15.47 5.16 -16.42
N SER B 160 15.87 5.79 -17.52
CA SER B 160 14.96 6.51 -18.40
C SER B 160 15.25 6.07 -19.83
N TRP B 161 14.51 6.63 -20.78
CA TRP B 161 14.66 6.25 -22.17
C TRP B 161 14.56 7.49 -23.05
N ASN B 162 15.59 7.70 -23.87
CA ASN B 162 15.67 8.88 -24.72
C ASN B 162 15.47 10.15 -23.91
N SER B 163 15.99 10.12 -22.68
CA SER B 163 16.08 11.32 -21.83
C SER B 163 14.69 11.85 -21.46
N GLY B 164 13.81 10.92 -21.07
CA GLY B 164 12.47 11.28 -20.65
C GLY B 164 11.46 11.45 -21.76
N ALA B 165 11.87 11.31 -23.01
CA ALA B 165 10.94 11.49 -24.13
C ALA B 165 10.13 10.24 -24.43
N LEU B 166 10.61 9.07 -24.01
CA LEU B 166 9.93 7.80 -24.23
C LEU B 166 9.53 7.25 -22.88
N THR B 167 8.23 7.33 -22.56
CA THR B 167 7.69 6.78 -21.33
C THR B 167 6.56 5.79 -21.56
N SER B 168 6.01 5.72 -22.77
CA SER B 168 4.78 4.97 -23.01
C SER B 168 4.92 3.50 -22.66
N GLY B 169 5.68 2.74 -23.43
CA GLY B 169 5.74 1.31 -23.24
C GLY B 169 6.81 0.85 -22.27
N VAL B 170 7.26 1.74 -21.40
CA VAL B 170 8.42 1.47 -20.56
C VAL B 170 8.01 0.60 -19.37
N HIS B 171 8.79 -0.45 -19.12
CA HIS B 171 8.64 -1.28 -17.92
C HIS B 171 10.02 -1.50 -17.34
N THR B 172 10.34 -0.78 -16.27
CA THR B 172 11.57 -0.97 -15.52
C THR B 172 11.28 -1.90 -14.35
N PHE B 173 12.04 -2.99 -14.24
CA PHE B 173 11.68 -4.02 -13.29
C PHE B 173 12.36 -3.80 -11.94
N PRO B 174 11.72 -4.24 -10.85
CA PRO B 174 12.42 -4.25 -9.57
C PRO B 174 13.67 -5.12 -9.64
N ALA B 175 14.70 -4.71 -8.91
CA ALA B 175 15.99 -5.37 -8.98
C ALA B 175 15.99 -6.67 -8.16
N VAL B 176 16.83 -7.60 -8.58
CA VAL B 176 17.09 -8.82 -7.82
C VAL B 176 18.31 -8.58 -6.93
N LEU B 177 18.25 -9.11 -5.71
CA LEU B 177 19.38 -9.08 -4.79
C LEU B 177 20.07 -10.44 -4.87
N GLN B 178 21.23 -10.47 -5.54
CA GLN B 178 21.92 -11.72 -5.79
C GLN B 178 22.60 -12.24 -4.53
N SER B 179 22.97 -13.52 -4.56
CA SER B 179 23.74 -14.10 -3.47
C SER B 179 25.01 -13.30 -3.20
N SER B 180 25.60 -12.70 -4.23
CA SER B 180 26.85 -11.98 -4.07
C SER B 180 26.68 -10.69 -3.27
N GLY B 181 25.45 -10.21 -3.10
CA GLY B 181 25.20 -8.96 -2.44
C GLY B 181 25.02 -7.77 -3.36
N LEU B 182 25.35 -7.92 -4.64
CA LEU B 182 25.15 -6.86 -5.61
C LEU B 182 23.75 -6.95 -6.21
N TYR B 183 23.35 -5.87 -6.89
CA TYR B 183 22.04 -5.78 -7.51
C TYR B 183 22.15 -5.93 -9.03
N SER B 184 21.07 -6.39 -9.64
CA SER B 184 20.90 -6.36 -11.08
C SER B 184 19.44 -6.04 -11.37
N LEU B 185 19.19 -5.46 -12.54
CA LEU B 185 17.82 -5.20 -12.96
C LEU B 185 17.80 -4.98 -14.46
N SER B 186 16.60 -5.02 -15.02
CA SER B 186 16.37 -4.80 -16.43
C SER B 186 15.31 -3.74 -16.62
N SER B 187 15.32 -3.11 -17.80
CA SER B 187 14.31 -2.13 -18.18
C SER B 187 13.94 -2.36 -19.62
N VAL B 188 12.66 -2.64 -19.88
CA VAL B 188 12.16 -2.96 -21.21
C VAL B 188 11.15 -1.90 -21.63
N VAL B 189 11.23 -1.48 -22.89
CA VAL B 189 10.22 -0.62 -23.49
C VAL B 189 9.70 -1.32 -24.74
N THR B 190 8.40 -1.20 -24.97
CA THR B 190 7.75 -1.80 -26.13
C THR B 190 7.59 -0.74 -27.21
N VAL B 191 8.02 -1.07 -28.42
CA VAL B 191 8.09 -0.09 -29.51
C VAL B 191 7.39 -0.68 -30.73
N PRO B 192 6.95 0.16 -31.66
CA PRO B 192 6.45 -0.35 -32.94
C PRO B 192 7.58 -0.95 -33.77
N SER B 193 7.35 -2.16 -34.28
CA SER B 193 8.38 -2.84 -35.07
C SER B 193 8.76 -2.05 -36.31
N SER B 194 7.93 -1.09 -36.73
CA SER B 194 8.24 -0.30 -37.91
C SER B 194 9.36 0.70 -37.63
N SER B 195 9.39 1.26 -36.42
CA SER B 195 10.34 2.30 -36.08
C SER B 195 11.75 1.78 -35.86
N LEU B 196 11.96 0.47 -35.77
CA LEU B 196 13.31 -0.06 -35.72
C LEU B 196 14.05 0.31 -37.00
N GLY B 197 15.27 0.83 -36.84
CA GLY B 197 16.07 1.25 -37.96
C GLY B 197 15.91 2.70 -38.34
N THR B 198 14.80 3.33 -37.96
CA THR B 198 14.59 4.76 -38.16
C THR B 198 14.67 5.56 -36.86
N GLN B 199 14.13 5.02 -35.76
CA GLN B 199 14.21 5.67 -34.46
C GLN B 199 15.36 5.04 -33.66
N THR B 200 16.06 5.87 -32.90
CA THR B 200 17.13 5.42 -32.02
C THR B 200 16.57 5.26 -30.61
N TYR B 201 17.06 4.23 -29.91
CA TYR B 201 16.58 3.89 -28.58
C TYR B 201 17.77 3.78 -27.64
N ILE B 202 17.82 4.65 -26.64
CA ILE B 202 18.93 4.72 -25.69
C ILE B 202 18.35 4.69 -24.29
N CYS B 203 18.85 3.77 -23.46
CA CYS B 203 18.50 3.75 -22.05
C CYS B 203 19.53 4.53 -21.25
N ASN B 204 19.04 5.36 -20.33
CA ASN B 204 19.85 6.31 -19.58
C ASN B 204 19.97 5.83 -18.14
N VAL B 205 21.02 5.06 -17.86
CA VAL B 205 21.25 4.49 -16.54
C VAL B 205 22.14 5.43 -15.75
N ASN B 206 21.73 5.73 -14.52
CA ASN B 206 22.47 6.64 -13.65
C ASN B 206 22.52 6.04 -12.26
N HIS B 207 23.73 5.72 -11.79
CA HIS B 207 23.95 5.12 -10.48
C HIS B 207 24.74 6.13 -9.64
N LYS B 208 24.03 7.00 -8.95
CA LYS B 208 24.69 8.10 -8.24
C LYS B 208 25.66 7.64 -7.16
N PRO B 209 25.44 6.54 -6.45
CA PRO B 209 26.45 6.10 -5.46
C PRO B 209 27.85 5.97 -6.04
N SER B 210 27.98 5.69 -7.33
CA SER B 210 29.28 5.51 -7.97
C SER B 210 29.60 6.61 -8.97
N ASN B 211 28.84 7.72 -8.96
CA ASN B 211 29.00 8.79 -9.93
C ASN B 211 29.14 8.23 -11.34
N THR B 212 28.34 7.21 -11.64
CA THR B 212 28.37 6.49 -12.91
C THR B 212 27.08 6.78 -13.66
N LYS B 213 27.20 7.33 -14.86
CA LYS B 213 26.08 7.52 -15.77
C LYS B 213 26.40 6.77 -17.06
N VAL B 214 25.42 6.02 -17.57
CA VAL B 214 25.59 5.25 -18.79
C VAL B 214 24.36 5.47 -19.66
N ASP B 215 24.57 5.91 -20.90
CA ASP B 215 23.52 5.98 -21.91
C ASP B 215 23.91 4.99 -23.00
N LYS B 216 23.23 3.85 -23.03
CA LYS B 216 23.59 2.76 -23.93
C LYS B 216 22.60 2.69 -25.08
N LYS B 217 23.12 2.81 -26.30
CA LYS B 217 22.32 2.65 -27.51
C LYS B 217 21.94 1.19 -27.68
N VAL B 218 20.68 0.93 -28.01
CA VAL B 218 20.17 -0.42 -28.19
C VAL B 218 19.72 -0.57 -29.63
N GLU B 219 20.42 -1.42 -30.40
CA GLU B 219 20.11 -1.62 -31.80
C GLU B 219 19.67 -3.07 -32.06
N PRO B 220 18.83 -3.28 -33.06
CA PRO B 220 18.49 -4.66 -33.47
C PRO B 220 19.68 -5.34 -34.13
N LYS B 221 20.06 -6.49 -33.60
CA LYS B 221 21.18 -7.26 -34.14
C LYS B 221 20.69 -8.25 -35.19
N TYR C 2 -21.93 27.21 -11.62
CA TYR C 2 -22.81 26.07 -11.81
C TYR C 2 -22.45 24.94 -10.84
N VAL C 3 -23.45 24.46 -10.09
CA VAL C 3 -23.22 23.48 -9.03
C VAL C 3 -23.38 22.07 -9.60
N LEU C 4 -22.40 21.22 -9.32
CA LEU C 4 -22.48 19.79 -9.58
C LEU C 4 -22.42 19.08 -8.23
N THR C 5 -23.31 18.10 -8.05
CA THR C 5 -23.47 17.44 -6.76
C THR C 5 -23.23 15.94 -6.92
N GLN C 6 -22.14 15.46 -6.33
CA GLN C 6 -21.83 14.05 -6.35
C GLN C 6 -21.93 13.46 -4.94
N PRO C 7 -22.27 12.18 -4.82
CA PRO C 7 -22.24 11.54 -3.50
C PRO C 7 -20.82 11.40 -3.00
N PRO C 8 -20.59 11.48 -1.68
CA PRO C 8 -19.20 11.45 -1.20
C PRO C 8 -18.56 10.10 -1.37
N SER C 9 -19.35 9.03 -1.44
CA SER C 9 -18.79 7.68 -1.42
C SER C 9 -19.74 6.72 -2.11
N VAL C 10 -19.19 5.89 -2.99
CA VAL C 10 -19.92 4.84 -3.70
C VAL C 10 -19.14 3.54 -3.53
N SER C 11 -19.83 2.49 -3.09
CA SER C 11 -19.20 1.25 -2.68
C SER C 11 -19.76 0.09 -3.48
N VAL C 12 -18.88 -0.83 -3.91
CA VAL C 12 -19.27 -1.93 -4.77
C VAL C 12 -18.23 -3.03 -4.62
N ALA C 13 -18.68 -4.27 -4.74
CA ALA C 13 -17.79 -5.41 -4.62
C ALA C 13 -17.12 -5.73 -5.94
N PRO C 14 -15.97 -6.41 -5.92
CA PRO C 14 -15.26 -6.68 -7.17
C PRO C 14 -16.15 -7.40 -8.17
N GLY C 15 -16.00 -7.04 -9.45
CA GLY C 15 -16.74 -7.65 -10.52
C GLY C 15 -18.09 -7.01 -10.78
N GLN C 16 -18.70 -6.40 -9.76
CA GLN C 16 -19.98 -5.75 -9.95
C GLN C 16 -19.77 -4.39 -10.62
N THR C 17 -20.88 -3.72 -10.94
CA THR C 17 -20.86 -2.45 -11.64
C THR C 17 -21.22 -1.33 -10.68
N ALA C 18 -20.44 -0.25 -10.71
CA ALA C 18 -20.66 0.90 -9.85
C ALA C 18 -21.16 2.07 -10.69
N LYS C 19 -22.11 2.81 -10.13
CA LYS C 19 -22.66 4.01 -10.76
C LYS C 19 -22.29 5.21 -9.90
N ILE C 20 -21.64 6.21 -10.51
CA ILE C 20 -21.30 7.46 -9.85
C ILE C 20 -22.14 8.55 -10.49
N THR C 21 -22.90 9.27 -9.67
CA THR C 21 -23.87 10.24 -10.16
C THR C 21 -23.35 11.66 -9.98
N CYS C 22 -23.81 12.54 -10.87
CA CYS C 22 -23.47 13.95 -10.82
C CYS C 22 -24.75 14.72 -11.13
N GLY C 23 -25.36 15.29 -10.08
CA GLY C 23 -26.63 15.98 -10.24
C GLY C 23 -26.46 17.43 -10.62
N GLY C 24 -27.35 17.90 -11.48
CA GLY C 24 -27.40 19.30 -11.85
C GLY C 24 -28.83 19.67 -12.18
N ASN C 25 -29.17 20.94 -11.93
CA ASN C 25 -30.58 21.32 -11.93
C ASN C 25 -31.24 21.03 -13.27
N ASN C 26 -30.52 21.25 -14.38
CA ASN C 26 -30.86 20.63 -15.66
C ASN C 26 -29.54 20.29 -16.35
N ILE C 27 -28.82 19.34 -15.76
CA ILE C 27 -27.54 18.89 -16.28
C ILE C 27 -27.68 18.22 -17.64
N GLY C 28 -28.91 17.87 -18.04
CA GLY C 28 -29.12 17.22 -19.32
C GLY C 28 -28.72 18.06 -20.52
N SER C 29 -28.73 19.38 -20.39
CA SER C 29 -28.28 20.28 -21.45
C SER C 29 -26.81 20.64 -21.33
N GLU C 30 -26.11 20.07 -20.36
CA GLU C 30 -24.68 20.31 -20.17
C GLU C 30 -23.91 19.07 -20.58
N SER C 31 -22.79 19.26 -21.27
CA SER C 31 -21.91 18.16 -21.64
C SER C 31 -20.95 17.92 -20.47
N VAL C 32 -20.97 16.71 -19.93
CA VAL C 32 -20.28 16.39 -18.68
C VAL C 32 -19.02 15.59 -18.98
N HIS C 33 -17.98 15.84 -18.20
CA HIS C 33 -16.71 15.12 -18.30
C HIS C 33 -16.40 14.47 -16.95
N TRP C 34 -15.64 13.38 -17.01
CA TRP C 34 -15.33 12.59 -15.82
C TRP C 34 -13.84 12.38 -15.71
N TYR C 35 -13.31 12.53 -14.49
CA TYR C 35 -11.90 12.41 -14.21
C TYR C 35 -11.69 11.40 -13.10
N GLN C 36 -10.74 10.48 -13.30
CA GLN C 36 -10.29 9.57 -12.27
C GLN C 36 -8.99 10.08 -11.69
N GLN C 37 -8.87 10.06 -10.37
CA GLN C 37 -7.63 10.43 -9.72
C GLN C 37 -7.39 9.46 -8.56
N LYS C 38 -6.28 8.79 -8.60
CA LYS C 38 -5.89 7.89 -7.53
C LYS C 38 -4.94 8.59 -6.56
N PRO C 39 -4.94 8.19 -5.29
CA PRO C 39 -4.15 8.91 -4.28
C PRO C 39 -2.72 9.19 -4.73
N GLY C 40 -2.37 10.47 -4.84
CA GLY C 40 -1.01 10.89 -5.08
C GLY C 40 -0.71 11.25 -6.53
N GLN C 41 -1.52 10.80 -7.47
CA GLN C 41 -1.27 11.03 -8.88
C GLN C 41 -2.16 12.15 -9.40
N ALA C 42 -1.97 12.49 -10.66
CA ALA C 42 -2.75 13.53 -11.29
C ALA C 42 -4.07 12.97 -11.83
N PRO C 43 -5.07 13.83 -12.00
CA PRO C 43 -6.33 13.35 -12.59
C PRO C 43 -6.10 12.80 -13.99
N VAL C 44 -7.03 11.95 -14.40
CA VAL C 44 -7.02 11.34 -15.72
C VAL C 44 -8.42 11.43 -16.29
N LEU C 45 -8.54 11.97 -17.49
CA LEU C 45 -9.85 12.07 -18.13
C LEU C 45 -10.29 10.68 -18.58
N VAL C 46 -11.46 10.25 -18.11
CA VAL C 46 -12.02 8.96 -18.49
C VAL C 46 -13.14 9.10 -19.51
N VAL C 47 -13.91 10.19 -19.43
CA VAL C 47 -15.06 10.41 -20.30
C VAL C 47 -15.17 11.90 -20.54
N TYR C 48 -15.57 12.28 -21.76
CA TYR C 48 -15.85 13.68 -22.06
C TYR C 48 -17.05 13.75 -22.99
N ASP C 49 -17.77 14.87 -22.89
CA ASP C 49 -19.04 15.06 -23.58
C ASP C 49 -19.97 13.87 -23.32
N ASP C 50 -20.22 13.66 -22.04
CA ASP C 50 -21.11 12.63 -21.50
C ASP C 50 -20.64 11.20 -21.73
N ALA C 51 -20.24 10.83 -22.96
CA ALA C 51 -19.99 9.42 -23.24
C ALA C 51 -18.76 9.11 -24.08
N VAL C 52 -18.01 10.10 -24.54
CA VAL C 52 -16.86 9.82 -25.40
C VAL C 52 -15.65 9.48 -24.54
N ARG C 53 -15.01 8.35 -24.85
CA ARG C 53 -13.80 7.91 -24.18
C ARG C 53 -12.57 8.33 -24.97
N PRO C 54 -11.60 9.00 -24.36
CA PRO C 54 -10.30 9.10 -25.01
C PRO C 54 -9.75 7.71 -25.31
N SER C 55 -8.88 7.64 -26.30
CA SER C 55 -8.23 6.38 -26.61
C SER C 55 -7.34 5.95 -25.46
N GLY C 56 -7.33 4.64 -25.18
CA GLY C 56 -6.61 4.07 -24.07
C GLY C 56 -7.48 3.77 -22.87
N ILE C 57 -8.56 4.50 -22.70
CA ILE C 57 -9.49 4.26 -21.59
C ILE C 57 -10.31 3.02 -21.89
N PRO C 58 -10.39 2.05 -20.99
CA PRO C 58 -11.15 0.83 -21.28
C PRO C 58 -12.62 1.14 -21.56
N GLU C 59 -13.28 0.19 -22.25
CA GLU C 59 -14.70 0.33 -22.55
C GLU C 59 -15.58 0.14 -21.33
N ARG C 60 -15.02 -0.33 -20.20
CA ARG C 60 -15.81 -0.53 -18.99
C ARG C 60 -16.31 0.79 -18.42
N PHE C 61 -15.72 1.91 -18.80
CA PHE C 61 -16.13 3.22 -18.30
C PHE C 61 -17.16 3.81 -19.25
N SER C 62 -18.38 3.98 -18.75
CA SER C 62 -19.52 4.44 -19.53
C SER C 62 -20.09 5.69 -18.91
N GLY C 63 -20.46 6.65 -19.76
CA GLY C 63 -21.09 7.88 -19.31
C GLY C 63 -22.50 8.00 -19.86
N SER C 64 -23.34 8.73 -19.14
CA SER C 64 -24.73 8.92 -19.53
C SER C 64 -25.27 10.17 -18.86
N ASN C 65 -26.00 10.99 -19.61
CA ASN C 65 -26.54 12.25 -19.11
C ASN C 65 -27.99 12.39 -19.54
N SER C 66 -28.89 12.51 -18.57
CA SER C 66 -30.31 12.66 -18.83
C SER C 66 -30.95 13.52 -17.75
N ARG C 67 -31.91 14.35 -18.16
CA ARG C 67 -32.66 15.21 -17.26
C ARG C 67 -31.78 15.89 -16.22
N ASN C 68 -31.64 15.29 -15.03
CA ASN C 68 -30.98 15.93 -13.91
C ASN C 68 -29.83 15.13 -13.32
N THR C 69 -29.47 13.99 -13.91
CA THR C 69 -28.48 13.10 -13.33
C THR C 69 -27.55 12.60 -14.43
N ALA C 70 -26.35 13.17 -14.50
CA ALA C 70 -25.26 12.54 -15.23
C ALA C 70 -24.72 11.38 -14.41
N THR C 71 -24.28 10.33 -15.11
CA THR C 71 -23.83 9.12 -14.44
C THR C 71 -22.62 8.55 -15.15
N LEU C 72 -21.59 8.22 -14.37
CA LEU C 72 -20.47 7.42 -14.83
C LEU C 72 -20.67 6.01 -14.31
N THR C 73 -20.76 5.04 -15.22
CA THR C 73 -20.87 3.64 -14.85
C THR C 73 -19.52 2.96 -15.08
N ILE C 74 -19.11 2.16 -14.12
CA ILE C 74 -17.88 1.40 -14.19
C ILE C 74 -18.24 -0.07 -14.01
N SER C 75 -18.18 -0.84 -15.09
CA SER C 75 -18.55 -2.25 -15.07
C SER C 75 -17.33 -3.11 -14.79
N ARG C 76 -17.59 -4.27 -14.17
CA ARG C 76 -16.52 -5.20 -13.81
C ARG C 76 -15.43 -4.49 -13.03
N VAL C 77 -15.85 -3.82 -11.94
CA VAL C 77 -14.93 -2.98 -11.19
C VAL C 77 -13.83 -3.82 -10.57
N GLU C 78 -12.59 -3.42 -10.82
CA GLU C 78 -11.41 -4.02 -10.20
C GLU C 78 -10.95 -3.16 -9.03
N ALA C 79 -10.08 -3.75 -8.19
CA ALA C 79 -9.52 -3.02 -7.07
C ALA C 79 -8.81 -1.75 -7.54
N GLY C 80 -8.02 -1.85 -8.60
CA GLY C 80 -7.30 -0.72 -9.12
C GLY C 80 -8.18 0.48 -9.45
N ASP C 81 -9.47 0.23 -9.68
CA ASP C 81 -10.39 1.32 -9.98
C ASP C 81 -10.71 2.16 -8.75
N GLU C 82 -10.33 1.71 -7.57
CA GLU C 82 -10.53 2.49 -6.35
C GLU C 82 -9.84 3.83 -6.48
N ALA C 83 -10.62 4.91 -6.44
CA ALA C 83 -10.08 6.24 -6.70
C ALA C 83 -11.16 7.27 -6.45
N ALA C 84 -10.82 8.54 -6.68
CA ALA C 84 -11.76 9.64 -6.61
C ALA C 84 -12.17 10.02 -8.03
N TYR C 85 -13.48 10.19 -8.24
CA TYR C 85 -14.02 10.51 -9.56
C TYR C 85 -14.72 11.85 -9.50
N TYR C 86 -14.44 12.70 -10.48
CA TYR C 86 -14.94 14.06 -10.53
C TYR C 86 -15.71 14.27 -11.82
N CYS C 87 -16.95 14.73 -11.70
CA CYS C 87 -17.67 15.24 -12.86
C CYS C 87 -17.32 16.70 -13.05
N GLN C 88 -17.33 17.13 -14.30
CA GLN C 88 -16.89 18.48 -14.64
C GLN C 88 -17.76 19.03 -15.75
N VAL C 89 -17.92 20.35 -15.75
CA VAL C 89 -18.69 21.05 -16.76
C VAL C 89 -17.97 22.36 -17.07
N TRP C 90 -18.03 22.76 -18.33
CA TRP C 90 -17.53 24.08 -18.73
C TRP C 90 -18.08 24.39 -20.10
N ASP C 91 -18.98 25.38 -20.17
CA ASP C 91 -19.43 25.95 -21.42
C ASP C 91 -18.65 27.24 -21.68
N SER C 92 -18.30 27.47 -22.95
CA SER C 92 -17.54 28.66 -23.30
C SER C 92 -18.20 29.91 -22.73
N SER C 93 -19.53 29.91 -22.62
CA SER C 93 -20.27 31.06 -22.15
C SER C 93 -19.99 31.41 -20.69
N THR C 94 -19.35 30.53 -19.93
CA THR C 94 -19.24 30.73 -18.49
C THR C 94 -17.91 30.15 -18.00
N VAL C 95 -17.84 29.91 -16.69
CA VAL C 95 -16.62 29.43 -16.04
C VAL C 95 -16.76 27.95 -15.78
N ALA C 96 -15.63 27.27 -15.57
CA ALA C 96 -15.66 25.84 -15.34
C ALA C 96 -16.07 25.52 -13.90
N SER C 97 -16.57 24.30 -13.72
CA SER C 97 -17.05 23.82 -12.42
C SER C 97 -16.69 22.35 -12.28
N PHE C 98 -16.49 21.92 -11.03
CA PHE C 98 -16.22 20.54 -10.73
C PHE C 98 -17.23 20.04 -9.71
N GLY C 99 -17.42 18.73 -9.69
CA GLY C 99 -18.15 18.11 -8.60
C GLY C 99 -17.28 18.05 -7.36
N GLY C 100 -17.91 17.71 -6.24
CA GLY C 100 -17.18 17.57 -5.00
C GLY C 100 -16.32 16.34 -4.93
N GLY C 101 -16.49 15.40 -5.85
CA GLY C 101 -15.69 14.19 -5.85
C GLY C 101 -16.39 13.04 -5.18
N THR C 102 -16.30 11.86 -5.79
CA THR C 102 -16.86 10.63 -5.24
C THR C 102 -15.74 9.62 -5.04
N LYS C 103 -15.63 9.10 -3.82
CA LYS C 103 -14.60 8.11 -3.50
C LYS C 103 -15.18 6.73 -3.76
N LEU C 104 -14.69 6.06 -4.79
CA LEU C 104 -15.11 4.69 -5.06
C LEU C 104 -14.33 3.74 -4.17
N THR C 105 -15.03 2.84 -3.50
CA THR C 105 -14.42 1.87 -2.59
C THR C 105 -14.80 0.46 -3.06
N VAL C 106 -13.78 -0.34 -3.34
CA VAL C 106 -13.98 -1.70 -3.82
C VAL C 106 -13.90 -2.62 -2.61
N LEU C 107 -15.05 -3.16 -2.21
CA LEU C 107 -15.24 -3.76 -0.90
C LEU C 107 -14.40 -5.01 -0.72
N GLY C 108 -13.50 -5.00 0.27
CA GLY C 108 -12.71 -6.16 0.58
C GLY C 108 -12.91 -6.66 2.00
N GLN C 109 -13.88 -6.08 2.70
CA GLN C 109 -14.19 -6.48 4.07
C GLN C 109 -15.59 -5.97 4.40
N PRO C 110 -16.18 -6.46 5.49
CA PRO C 110 -17.53 -6.01 5.85
C PRO C 110 -17.56 -4.53 6.20
N LYS C 111 -18.66 -3.88 5.81
CA LYS C 111 -18.86 -2.50 6.21
C LYS C 111 -18.91 -2.39 7.73
N ALA C 112 -18.44 -1.26 8.26
CA ALA C 112 -18.42 -1.05 9.69
C ALA C 112 -18.68 0.42 9.98
N ALA C 113 -19.59 0.68 10.93
CA ALA C 113 -19.91 2.03 11.31
C ALA C 113 -18.83 2.60 12.23
N PRO C 114 -18.63 3.91 12.23
CA PRO C 114 -17.51 4.48 12.99
C PRO C 114 -17.76 4.45 14.48
N SER C 115 -16.67 4.24 15.22
CA SER C 115 -16.63 4.50 16.65
C SER C 115 -16.09 5.92 16.85
N VAL C 116 -16.81 6.72 17.62
CA VAL C 116 -16.44 8.10 17.88
C VAL C 116 -16.11 8.23 19.36
N THR C 117 -15.08 9.03 19.65
CA THR C 117 -14.73 9.39 21.02
C THR C 117 -14.45 10.88 21.06
N LEU C 118 -15.18 11.59 21.92
CA LEU C 118 -15.07 13.04 22.03
C LEU C 118 -14.44 13.39 23.37
N PHE C 119 -13.44 14.27 23.33
CA PHE C 119 -12.78 14.74 24.53
C PHE C 119 -12.96 16.25 24.68
N PRO C 120 -13.29 16.74 25.88
CA PRO C 120 -13.41 18.18 26.09
C PRO C 120 -12.05 18.81 26.32
N PRO C 121 -11.98 20.14 26.42
CA PRO C 121 -10.69 20.76 26.71
C PRO C 121 -10.17 20.30 28.07
N SER C 122 -8.88 20.01 28.13
CA SER C 122 -8.30 19.61 29.41
C SER C 122 -8.20 20.83 30.33
N SER C 123 -8.19 20.55 31.64
CA SER C 123 -8.08 21.62 32.61
C SER C 123 -6.76 22.37 32.45
N GLU C 124 -5.68 21.64 32.16
CA GLU C 124 -4.40 22.31 31.92
C GLU C 124 -4.49 23.23 30.72
N GLU C 125 -5.04 22.73 29.60
CA GLU C 125 -5.13 23.55 28.40
C GLU C 125 -5.96 24.81 28.68
N LEU C 126 -6.99 24.68 29.50
CA LEU C 126 -7.81 25.83 29.85
C LEU C 126 -7.01 26.85 30.65
N GLN C 127 -6.18 26.37 31.59
CA GLN C 127 -5.34 27.27 32.38
C GLN C 127 -4.29 27.97 31.55
N ALA C 128 -4.11 27.60 30.29
CA ALA C 128 -3.26 28.33 29.35
C ALA C 128 -4.07 29.24 28.43
N ASN C 129 -5.38 29.34 28.65
CA ASN C 129 -6.25 30.17 27.82
C ASN C 129 -6.32 29.65 26.39
N LYS C 130 -6.45 28.34 26.26
CA LYS C 130 -6.71 27.69 24.99
C LYS C 130 -7.72 26.58 25.23
N ALA C 131 -8.46 26.22 24.18
CA ALA C 131 -9.48 25.19 24.29
C ALA C 131 -9.57 24.43 22.97
N THR C 132 -9.46 23.11 23.05
CA THR C 132 -9.42 22.26 21.86
C THR C 132 -10.26 21.02 22.13
N LEU C 133 -11.38 20.88 21.42
CA LEU C 133 -12.17 19.66 21.47
C LEU C 133 -11.63 18.65 20.46
N VAL C 134 -11.52 17.40 20.88
CA VAL C 134 -10.88 16.35 20.10
C VAL C 134 -11.91 15.27 19.83
N CYS C 135 -12.22 15.05 18.55
CA CYS C 135 -13.21 14.06 18.14
C CYS C 135 -12.49 12.99 17.31
N LEU C 136 -12.30 11.82 17.91
CA LEU C 136 -11.51 10.76 17.30
C LEU C 136 -12.45 9.69 16.74
N VAL C 137 -12.40 9.50 15.43
CA VAL C 137 -13.22 8.55 14.70
C VAL C 137 -12.35 7.38 14.29
N SER C 138 -12.90 6.17 14.37
CA SER C 138 -12.09 4.98 14.12
C SER C 138 -12.96 3.79 13.74
N ASP C 139 -12.30 2.80 13.12
CA ASP C 139 -12.88 1.47 12.89
C ASP C 139 -14.08 1.51 11.94
N PHE C 140 -13.97 2.28 10.86
CA PHE C 140 -15.04 2.35 9.86
C PHE C 140 -14.52 1.96 8.49
N TYR C 141 -15.44 1.48 7.65
CA TYR C 141 -15.19 1.07 6.27
C TYR C 141 -16.52 1.16 5.52
N PRO C 142 -16.58 1.80 4.34
CA PRO C 142 -15.51 2.45 3.56
C PRO C 142 -14.88 3.65 4.26
N GLY C 143 -13.69 4.03 3.81
CA GLY C 143 -12.99 5.16 4.39
C GLY C 143 -13.45 6.48 3.83
N ALA C 144 -14.66 6.89 4.21
CA ALA C 144 -15.21 8.16 3.75
C ALA C 144 -16.21 8.63 4.79
N VAL C 145 -15.86 9.69 5.53
CA VAL C 145 -16.72 10.23 6.56
C VAL C 145 -16.89 11.72 6.35
N THR C 146 -17.98 12.25 6.88
CA THR C 146 -18.20 13.69 7.03
C THR C 146 -18.24 14.01 8.52
N VAL C 147 -17.60 15.10 8.90
CA VAL C 147 -17.53 15.52 10.30
C VAL C 147 -18.08 16.93 10.41
N ALA C 148 -19.09 17.10 11.25
CA ALA C 148 -19.66 18.41 11.51
C ALA C 148 -19.64 18.67 13.01
N TRP C 149 -19.48 19.93 13.37
CA TRP C 149 -19.55 20.37 14.75
C TRP C 149 -20.78 21.24 14.95
N LYS C 150 -21.38 21.12 16.14
CA LYS C 150 -22.52 21.95 16.51
C LYS C 150 -22.33 22.41 17.96
N ALA C 151 -22.67 23.65 18.22
CA ALA C 151 -22.60 24.23 19.55
C ALA C 151 -24.01 24.61 19.98
N ASP C 152 -24.39 24.20 21.19
CA ASP C 152 -25.79 24.20 21.58
C ASP C 152 -26.55 23.41 20.51
N GLY C 153 -27.33 24.07 19.66
CA GLY C 153 -28.07 23.35 18.64
C GLY C 153 -27.79 23.80 17.21
N SER C 154 -26.87 24.74 17.04
CA SER C 154 -26.59 25.33 15.74
C SER C 154 -25.15 25.06 15.33
N PRO C 155 -24.85 25.10 14.04
CA PRO C 155 -23.55 24.62 13.56
C PRO C 155 -22.44 25.64 13.76
N VAL C 156 -21.23 25.11 13.90
CA VAL C 156 -20.01 25.90 14.05
C VAL C 156 -19.01 25.35 13.06
N LYS C 157 -18.75 26.11 11.99
CA LYS C 157 -17.83 25.69 10.95
C LYS C 157 -16.50 26.44 10.99
N VAL C 158 -16.31 27.34 11.95
CA VAL C 158 -15.08 28.09 12.09
C VAL C 158 -14.25 27.49 13.21
N GLY C 159 -12.93 27.49 13.02
CA GLY C 159 -12.04 26.91 14.02
C GLY C 159 -11.91 25.42 13.95
N VAL C 160 -12.25 24.81 12.81
CA VAL C 160 -12.30 23.36 12.67
C VAL C 160 -11.15 22.91 11.78
N GLU C 161 -10.47 21.85 12.20
CA GLU C 161 -9.45 21.18 11.40
C GLU C 161 -9.77 19.69 11.41
N THR C 162 -9.87 19.10 10.21
CA THR C 162 -10.25 17.69 10.07
C THR C 162 -9.29 17.00 9.13
N THR C 163 -8.88 15.78 9.51
CA THR C 163 -7.90 15.03 8.75
C THR C 163 -8.57 14.28 7.61
N LYS C 164 -7.77 13.87 6.63
CA LYS C 164 -8.21 12.90 5.65
C LYS C 164 -8.36 11.55 6.32
N PRO C 165 -9.35 10.75 5.92
CA PRO C 165 -9.43 9.37 6.44
C PRO C 165 -8.22 8.56 5.99
N SER C 166 -7.67 7.78 6.92
CA SER C 166 -6.44 7.04 6.68
C SER C 166 -6.60 5.61 7.21
N LYS C 167 -5.92 4.68 6.52
CA LYS C 167 -6.05 3.27 6.87
C LYS C 167 -5.34 2.97 8.19
N GLN C 168 -5.90 2.02 8.93
CA GLN C 168 -5.29 1.49 10.14
C GLN C 168 -4.53 0.21 9.78
N SER C 169 -4.18 -0.58 10.80
CA SER C 169 -3.59 -1.89 10.53
C SER C 169 -4.63 -2.91 10.13
N ASN C 170 -5.86 -2.78 10.63
CA ASN C 170 -6.96 -3.68 10.28
C ASN C 170 -7.71 -3.27 9.03
N ASN C 171 -7.14 -2.37 8.23
CA ASN C 171 -7.73 -1.92 6.96
C ASN C 171 -8.98 -1.08 7.15
N LYS C 172 -9.46 -0.96 8.38
CA LYS C 172 -10.47 0.04 8.68
C LYS C 172 -9.79 1.40 8.78
N TYR C 173 -10.58 2.46 8.73
CA TYR C 173 -10.05 3.81 8.62
C TYR C 173 -10.24 4.58 9.93
N ALA C 174 -9.53 5.71 10.00
CA ALA C 174 -9.54 6.56 11.18
C ALA C 174 -9.46 8.01 10.73
N ALA C 175 -9.93 8.92 11.59
CA ALA C 175 -9.90 10.35 11.29
C ALA C 175 -9.97 11.12 12.60
N SER C 176 -9.49 12.37 12.54
CA SER C 176 -9.44 13.25 13.70
C SER C 176 -9.97 14.62 13.30
N SER C 177 -10.83 15.18 14.16
CA SER C 177 -11.34 16.53 13.96
C SER C 177 -11.11 17.32 15.24
N TYR C 178 -10.54 18.51 15.11
CA TYR C 178 -10.24 19.39 16.24
C TYR C 178 -10.97 20.71 16.05
N LEU C 179 -11.74 21.12 17.06
CA LEU C 179 -12.39 22.42 17.07
C LEU C 179 -11.70 23.28 18.13
N SER C 180 -10.99 24.31 17.69
CA SER C 180 -10.37 25.25 18.61
C SER C 180 -11.39 26.30 19.05
N LEU C 181 -11.26 26.73 20.30
CA LEU C 181 -12.22 27.66 20.89
C LEU C 181 -11.52 28.54 21.90
N THR C 182 -12.12 29.69 22.19
CA THR C 182 -11.70 30.49 23.33
C THR C 182 -12.30 29.91 24.61
N PRO C 183 -11.58 29.97 25.73
CA PRO C 183 -12.11 29.38 26.96
C PRO C 183 -13.49 29.88 27.35
N GLU C 184 -13.88 31.08 26.88
CA GLU C 184 -15.21 31.60 27.18
C GLU C 184 -16.25 31.11 26.20
N GLN C 185 -15.89 30.96 24.93
CA GLN C 185 -16.77 30.27 23.98
C GLN C 185 -17.14 28.89 24.51
N TRP C 186 -16.20 28.24 25.18
CA TRP C 186 -16.44 26.91 25.74
C TRP C 186 -17.44 26.97 26.88
N LYS C 187 -17.24 27.92 27.82
CA LYS C 187 -18.20 28.11 28.89
C LYS C 187 -19.48 28.80 28.41
N SER C 188 -19.44 29.45 27.25
CA SER C 188 -20.63 30.15 26.76
C SER C 188 -21.79 29.19 26.54
N HIS C 189 -21.51 28.01 26.00
CA HIS C 189 -22.55 27.13 25.48
C HIS C 189 -22.85 25.99 26.45
N ARG C 190 -24.09 25.50 26.38
CA ARG C 190 -24.51 24.38 27.23
C ARG C 190 -23.85 23.09 26.77
N SER C 191 -23.81 22.84 25.47
CA SER C 191 -23.29 21.58 24.93
C SER C 191 -22.48 21.85 23.68
N TYR C 192 -21.67 20.85 23.32
CA TYR C 192 -20.90 20.83 22.08
C TYR C 192 -21.00 19.43 21.51
N SER C 193 -21.06 19.34 20.18
CA SER C 193 -21.35 18.07 19.53
C SER C 193 -20.43 17.83 18.35
N CYS C 194 -20.11 16.56 18.14
CA CYS C 194 -19.37 16.10 16.97
C CYS C 194 -20.25 15.11 16.24
N ARG C 195 -20.51 15.38 14.96
CA ARG C 195 -21.41 14.56 14.14
C ARG C 195 -20.60 13.92 13.02
N VAL C 196 -20.35 12.62 13.15
CA VAL C 196 -19.62 11.86 12.14
C VAL C 196 -20.64 11.06 11.34
N THR C 197 -20.72 11.35 10.05
CA THR C 197 -21.70 10.76 9.14
C THR C 197 -20.97 9.80 8.21
N HIS C 198 -21.43 8.54 8.20
CA HIS C 198 -20.77 7.49 7.43
C HIS C 198 -21.82 6.66 6.70
N GLU C 199 -21.68 6.55 5.38
CA GLU C 199 -22.60 5.78 4.55
C GLU C 199 -24.05 6.04 4.90
N GLY C 200 -24.39 7.32 5.17
CA GLY C 200 -25.76 7.76 5.29
C GLY C 200 -26.27 7.92 6.71
N SER C 201 -25.68 7.22 7.66
CA SER C 201 -26.07 7.30 9.06
C SER C 201 -25.05 8.10 9.85
N THR C 202 -25.51 8.73 10.93
CA THR C 202 -24.69 9.65 11.71
C THR C 202 -24.57 9.18 13.15
N VAL C 203 -23.34 9.12 13.65
CA VAL C 203 -23.08 8.92 15.07
C VAL C 203 -22.66 10.27 15.65
N GLU C 204 -23.36 10.73 16.68
CA GLU C 204 -23.11 12.02 17.29
C GLU C 204 -22.75 11.84 18.76
N LYS C 205 -21.69 12.50 19.19
CA LYS C 205 -21.28 12.51 20.59
C LYS C 205 -21.38 13.95 21.11
N THR C 206 -21.69 14.08 22.39
CA THR C 206 -21.87 15.38 23.01
C THR C 206 -21.06 15.46 24.30
N VAL C 207 -20.56 16.67 24.57
CA VAL C 207 -19.90 16.99 25.82
C VAL C 207 -20.41 18.35 26.28
N ALA C 208 -20.24 18.62 27.58
CA ALA C 208 -20.69 19.87 28.17
C ALA C 208 -19.66 20.37 29.17
N PRO C 209 -19.60 21.69 29.41
CA PRO C 209 -18.71 22.24 30.44
C PRO C 209 -19.06 21.76 31.84
N GLU D 1 5.50 10.48 -24.84
CA GLU D 1 4.19 10.98 -25.36
C GLU D 1 4.04 12.49 -25.12
N VAL D 2 2.84 12.91 -24.68
CA VAL D 2 2.61 14.28 -24.25
C VAL D 2 3.00 14.39 -22.78
N GLN D 3 3.61 15.51 -22.41
CA GLN D 3 4.16 15.64 -21.06
C GLN D 3 4.02 17.08 -20.58
N LEU D 4 3.66 17.22 -19.30
CA LEU D 4 3.57 18.51 -18.62
C LEU D 4 4.26 18.39 -17.28
N VAL D 5 5.16 19.33 -16.97
CA VAL D 5 5.92 19.31 -15.73
C VAL D 5 5.81 20.68 -15.06
N GLU D 6 5.26 20.69 -13.85
CA GLU D 6 5.15 21.93 -13.08
C GLU D 6 6.35 22.08 -12.15
N SER D 7 6.67 23.33 -11.83
CA SER D 7 7.75 23.64 -10.92
C SER D 7 7.46 25.01 -10.31
N GLY D 8 8.22 25.34 -9.27
CA GLY D 8 8.10 26.62 -8.60
C GLY D 8 7.41 26.55 -7.25
N GLY D 9 6.86 25.41 -6.87
CA GLY D 9 6.20 25.28 -5.60
C GLY D 9 7.18 25.26 -4.45
N GLY D 10 6.62 25.19 -3.25
CA GLY D 10 7.38 25.21 -2.02
C GLY D 10 6.61 25.97 -0.96
N LEU D 11 7.30 26.37 0.09
CA LEU D 11 6.69 27.16 1.15
C LEU D 11 6.82 28.65 0.84
N VAL D 12 5.82 29.40 1.30
CA VAL D 12 5.82 30.86 1.17
C VAL D 12 4.96 31.40 2.31
N LYS D 13 5.42 32.49 2.92
CA LYS D 13 4.71 33.05 4.06
C LYS D 13 3.42 33.75 3.60
N PRO D 14 2.45 33.91 4.49
CA PRO D 14 1.20 34.57 4.12
C PRO D 14 1.46 35.95 3.53
N GLY D 15 0.59 36.36 2.60
CA GLY D 15 0.75 37.61 1.90
C GLY D 15 1.92 37.65 0.94
N GLY D 16 2.70 36.58 0.85
CA GLY D 16 3.83 36.52 -0.04
C GLY D 16 3.42 36.24 -1.47
N SER D 17 4.43 36.10 -2.31
CA SER D 17 4.24 35.93 -3.75
C SER D 17 5.04 34.72 -4.21
N LEU D 18 4.60 34.12 -5.32
CA LEU D 18 5.30 32.96 -5.87
C LEU D 18 4.81 32.73 -7.29
N ARG D 19 5.75 32.36 -8.18
CA ARG D 19 5.46 32.13 -9.59
C ARG D 19 5.70 30.67 -9.91
N LEU D 20 4.68 30.01 -10.46
CA LEU D 20 4.78 28.64 -10.90
C LEU D 20 5.03 28.59 -12.40
N SER D 21 5.68 27.51 -12.84
CA SER D 21 5.99 27.30 -14.25
C SER D 21 5.55 25.90 -14.64
N CYS D 22 5.13 25.76 -15.90
CA CYS D 22 4.70 24.48 -16.46
C CYS D 22 5.36 24.33 -17.82
N ALA D 23 6.24 23.34 -17.95
CA ALA D 23 7.03 23.13 -19.15
C ALA D 23 6.38 22.03 -19.99
N ALA D 24 5.86 22.40 -21.16
CA ALA D 24 5.16 21.48 -22.03
C ALA D 24 6.12 20.88 -23.05
N SER D 25 5.76 19.68 -23.52
CA SER D 25 6.58 18.96 -24.48
C SER D 25 5.70 18.01 -25.26
N GLY D 26 6.12 17.68 -26.48
CA GLY D 26 5.45 16.65 -27.25
C GLY D 26 4.13 17.05 -27.87
N PHE D 27 3.86 18.35 -28.01
CA PHE D 27 2.66 18.78 -28.72
C PHE D 27 2.78 20.26 -29.06
N SER D 28 1.98 20.69 -30.04
CA SER D 28 2.05 22.04 -30.57
C SER D 28 1.48 23.02 -29.54
N PHE D 29 2.31 23.32 -28.53
CA PHE D 29 1.87 24.13 -27.40
C PHE D 29 1.21 25.44 -27.85
N SER D 30 1.66 26.00 -28.97
CA SER D 30 1.21 27.33 -29.37
C SER D 30 -0.24 27.37 -29.83
N GLU D 31 -0.89 26.21 -30.03
CA GLU D 31 -2.24 26.18 -30.56
C GLU D 31 -3.25 25.52 -29.62
N TYR D 32 -2.91 25.32 -28.36
CA TYR D 32 -3.82 24.77 -27.37
C TYR D 32 -4.06 25.77 -26.24
N ARG D 33 -5.26 25.73 -25.69
CA ARG D 33 -5.56 26.47 -24.47
C ARG D 33 -5.00 25.71 -23.27
N MET D 34 -4.42 26.45 -22.32
CA MET D 34 -3.86 25.85 -21.13
C MET D 34 -4.59 26.33 -19.89
N ASN D 35 -4.58 25.51 -18.84
CA ASN D 35 -5.33 25.78 -17.63
C ASN D 35 -4.45 25.50 -16.41
N TRP D 36 -4.88 26.05 -15.28
CA TRP D 36 -4.34 25.74 -13.96
C TRP D 36 -5.47 25.24 -13.08
N VAL D 37 -5.23 24.13 -12.38
CA VAL D 37 -6.21 23.54 -11.48
C VAL D 37 -5.51 23.21 -10.17
N ARG D 38 -6.12 23.58 -9.05
CA ARG D 38 -5.53 23.38 -7.74
C ARG D 38 -6.42 22.48 -6.90
N GLN D 39 -5.81 21.84 -5.90
CA GLN D 39 -6.48 20.81 -5.12
C GLN D 39 -5.94 20.88 -3.69
N ALA D 40 -6.66 21.58 -2.82
CA ALA D 40 -6.27 21.62 -1.42
C ALA D 40 -6.21 20.20 -0.87
N PRO D 41 -5.40 19.96 0.17
CA PRO D 41 -5.27 18.59 0.67
C PRO D 41 -6.62 18.00 1.08
N GLY D 42 -6.92 16.83 0.54
CA GLY D 42 -8.12 16.10 0.89
C GLY D 42 -9.40 16.64 0.30
N LYS D 43 -9.43 17.90 -0.13
CA LYS D 43 -10.62 18.46 -0.75
C LYS D 43 -10.59 18.15 -2.25
N GLY D 44 -11.48 18.78 -3.01
CA GLY D 44 -11.67 18.46 -4.41
C GLY D 44 -10.96 19.41 -5.36
N LEU D 45 -11.04 19.07 -6.65
CA LEU D 45 -10.43 19.91 -7.68
C LEU D 45 -11.14 21.24 -7.75
N GLU D 46 -10.37 22.29 -8.00
CA GLU D 46 -10.91 23.64 -8.20
C GLU D 46 -10.17 24.29 -9.36
N TRP D 47 -10.92 24.63 -10.41
CA TRP D 47 -10.33 25.33 -11.54
C TRP D 47 -9.91 26.73 -11.13
N VAL D 48 -8.72 27.14 -11.56
CA VAL D 48 -8.10 28.38 -11.12
C VAL D 48 -8.04 29.42 -12.24
N SER D 49 -7.57 29.02 -13.42
CA SER D 49 -7.35 30.00 -14.48
C SER D 49 -7.27 29.30 -15.83
N PHE D 50 -7.40 30.09 -16.89
CA PHE D 50 -7.25 29.60 -18.26
C PHE D 50 -6.77 30.73 -19.15
N ILE D 51 -5.88 30.41 -20.07
CA ILE D 51 -5.37 31.35 -21.06
C ILE D 51 -5.41 30.68 -22.43
N SER D 52 -5.78 31.45 -23.45
CA SER D 52 -5.95 30.91 -24.78
C SER D 52 -4.61 30.55 -25.41
N SER D 53 -4.68 29.96 -26.60
CA SER D 53 -3.47 29.62 -27.36
C SER D 53 -2.62 30.87 -27.59
N SER D 54 -3.25 31.95 -28.05
CA SER D 54 -2.53 33.19 -28.30
C SER D 54 -2.38 34.03 -27.03
N GLY D 55 -3.30 33.90 -26.09
CA GLY D 55 -3.28 34.68 -24.88
C GLY D 55 -4.23 35.86 -24.87
N THR D 56 -5.27 35.83 -25.69
CA THR D 56 -6.19 36.96 -25.80
C THR D 56 -7.25 36.92 -24.71
N TYR D 57 -7.82 35.74 -24.48
CA TYR D 57 -8.93 35.55 -23.54
C TYR D 57 -8.41 34.85 -22.30
N ILE D 58 -8.49 35.53 -21.16
CA ILE D 58 -8.09 34.98 -19.87
C ILE D 58 -9.31 35.03 -18.96
N ASP D 59 -9.30 34.16 -17.96
CA ASP D 59 -10.30 34.23 -16.90
C ASP D 59 -9.76 33.49 -15.69
N TYR D 60 -10.11 33.97 -14.51
CA TYR D 60 -9.74 33.36 -13.25
C TYR D 60 -11.00 33.02 -12.46
N ALA D 61 -10.91 31.96 -11.65
CA ALA D 61 -11.96 31.71 -10.69
C ALA D 61 -12.07 32.91 -9.75
N ASP D 62 -13.30 33.17 -9.29
CA ASP D 62 -13.53 34.37 -8.49
C ASP D 62 -12.61 34.43 -7.28
N SER D 63 -12.14 33.29 -6.79
CA SER D 63 -11.40 33.25 -5.53
C SER D 63 -10.02 33.91 -5.66
N VAL D 64 -9.44 33.93 -6.86
CA VAL D 64 -8.06 34.35 -7.03
C VAL D 64 -7.91 35.58 -7.90
N LYS D 65 -8.97 36.07 -8.54
CA LYS D 65 -8.84 37.22 -9.42
C LYS D 65 -8.48 38.46 -8.60
N GLY D 66 -7.61 39.29 -9.18
CA GLY D 66 -7.00 40.40 -8.49
C GLY D 66 -5.63 40.07 -7.94
N ARG D 67 -5.40 38.83 -7.55
CA ARG D 67 -4.16 38.41 -6.93
C ARG D 67 -3.28 37.54 -7.82
N PHE D 68 -3.88 36.78 -8.74
CA PHE D 68 -3.13 35.88 -9.61
C PHE D 68 -3.06 36.46 -11.02
N THR D 69 -2.06 36.01 -11.78
CA THR D 69 -1.88 36.46 -13.15
C THR D 69 -1.24 35.35 -13.96
N ILE D 70 -1.97 34.86 -14.97
CA ILE D 70 -1.54 33.76 -15.81
C ILE D 70 -0.93 34.30 -17.10
N SER D 71 0.13 33.67 -17.58
CA SER D 71 0.81 34.09 -18.79
C SER D 71 1.45 32.88 -19.45
N ARG D 72 1.73 33.01 -20.75
CA ARG D 72 2.37 31.93 -21.49
C ARG D 72 3.41 32.47 -22.45
N ASP D 73 4.47 31.69 -22.65
CA ASP D 73 5.51 31.96 -23.64
C ASP D 73 5.46 30.82 -24.65
N ASN D 74 4.87 31.10 -25.82
CA ASN D 74 4.66 30.06 -26.83
C ASN D 74 5.91 29.74 -27.63
N VAL D 75 7.03 30.43 -27.39
CA VAL D 75 8.26 30.11 -28.09
C VAL D 75 9.05 29.02 -27.37
N ASN D 76 9.11 29.06 -26.04
CA ASN D 76 9.72 27.98 -25.27
C ASN D 76 8.71 26.92 -24.86
N ASN D 77 7.45 27.06 -25.26
CA ASN D 77 6.41 26.13 -24.82
C ASN D 77 6.44 26.01 -23.30
N SER D 78 5.92 27.02 -22.61
CA SER D 78 5.87 27.01 -21.16
C SER D 78 4.80 27.98 -20.70
N LEU D 79 4.16 27.64 -19.58
CA LEU D 79 3.08 28.43 -19.00
C LEU D 79 3.45 28.79 -17.58
N TYR D 80 2.97 29.95 -17.11
CA TYR D 80 3.29 30.44 -15.79
C TYR D 80 2.02 30.90 -15.08
N LEU D 81 2.08 30.87 -13.74
CA LEU D 81 1.04 31.48 -12.90
C LEU D 81 1.75 32.25 -11.80
N GLN D 82 1.61 33.57 -11.83
CA GLN D 82 2.14 34.44 -10.79
C GLN D 82 1.05 34.67 -9.75
N MET D 83 1.32 34.30 -8.51
CA MET D 83 0.37 34.44 -7.41
C MET D 83 0.90 35.45 -6.41
N ASN D 84 0.06 36.43 -6.06
CA ASN D 84 0.44 37.51 -5.14
C ASN D 84 -0.47 37.48 -3.91
N ASN D 85 0.08 37.96 -2.78
CA ASN D 85 -0.64 37.93 -1.51
C ASN D 85 -1.33 36.59 -1.36
N LEU D 86 -0.56 35.53 -1.11
CA LEU D 86 -1.14 34.22 -0.90
C LEU D 86 -1.69 34.12 0.50
N ARG D 87 -2.88 33.53 0.62
CA ARG D 87 -3.54 33.29 1.88
C ARG D 87 -3.45 31.81 2.23
N ALA D 88 -4.04 31.45 3.37
CA ALA D 88 -4.05 30.05 3.77
C ALA D 88 -4.83 29.20 2.77
N GLY D 89 -5.99 29.68 2.33
CA GLY D 89 -6.84 28.92 1.42
C GLY D 89 -6.20 28.57 0.10
N ASP D 90 -5.08 29.21 -0.25
CA ASP D 90 -4.38 28.93 -1.49
C ASP D 90 -3.42 27.76 -1.36
N THR D 91 -3.20 27.25 -0.16
CA THR D 91 -2.33 26.09 0.05
C THR D 91 -2.93 24.88 -0.68
N ALA D 92 -2.26 24.41 -1.72
CA ALA D 92 -2.79 23.28 -2.47
C ALA D 92 -1.73 22.80 -3.45
N VAL D 93 -2.05 21.69 -4.11
CA VAL D 93 -1.28 21.20 -5.25
C VAL D 93 -1.81 21.89 -6.49
N TYR D 94 -0.91 22.38 -7.33
CA TYR D 94 -1.29 23.14 -8.52
C TYR D 94 -0.90 22.36 -9.76
N TYR D 95 -1.91 21.82 -10.45
CA TYR D 95 -1.73 21.11 -11.71
C TYR D 95 -1.85 22.08 -12.87
N CYS D 96 -0.95 21.96 -13.85
CA CYS D 96 -1.12 22.62 -15.14
C CYS D 96 -1.72 21.59 -16.09
N ALA D 97 -2.81 21.97 -16.75
CA ALA D 97 -3.59 21.02 -17.53
C ALA D 97 -3.92 21.61 -18.89
N ARG D 98 -3.87 20.77 -19.92
CA ARG D 98 -4.19 21.18 -21.28
C ARG D 98 -5.69 21.08 -21.50
N GLY D 99 -6.23 22.02 -22.29
CA GLY D 99 -7.63 22.04 -22.59
C GLY D 99 -7.95 21.78 -24.04
N MET D 100 -8.83 20.80 -24.46
CA MET D 100 -9.38 20.50 -25.75
C MET D 100 -10.87 20.85 -25.64
N GLY D 101 -11.52 21.06 -26.76
CA GLY D 101 -12.91 21.43 -26.75
C GLY D 101 -13.09 22.84 -27.21
N ILE D 102 -14.25 23.16 -27.73
CA ILE D 102 -14.51 24.48 -28.22
C ILE D 102 -15.63 25.12 -27.42
N ALA D 103 -16.87 24.75 -27.66
CA ALA D 103 -17.93 25.40 -26.97
C ALA D 103 -18.17 24.88 -25.60
N VAL D 104 -17.82 23.63 -25.40
CA VAL D 104 -17.99 22.94 -24.13
C VAL D 104 -16.67 22.22 -23.86
N ARG D 105 -16.04 22.52 -22.73
CA ARG D 105 -14.59 22.38 -22.60
C ARG D 105 -14.16 21.34 -21.57
N ARG D 106 -12.87 21.03 -21.63
CA ARG D 106 -12.31 19.77 -21.17
C ARG D 106 -10.91 20.02 -20.61
N PHE D 107 -10.39 19.01 -19.91
CA PHE D 107 -8.99 19.00 -19.45
C PHE D 107 -8.43 17.63 -19.78
N ASP D 108 -7.67 17.52 -20.87
CA ASP D 108 -7.35 16.21 -21.42
C ASP D 108 -5.94 15.73 -21.08
N TYR D 109 -5.07 16.60 -20.58
CA TYR D 109 -3.74 16.17 -20.15
C TYR D 109 -3.30 16.99 -18.95
N TRP D 110 -2.89 16.30 -17.88
CA TRP D 110 -2.46 16.93 -16.64
C TRP D 110 -1.04 16.51 -16.31
N GLY D 111 -0.24 17.47 -15.83
CA GLY D 111 0.98 17.13 -15.14
C GLY D 111 0.67 16.65 -13.74
N GLN D 112 1.71 16.21 -13.03
CA GLN D 112 1.52 15.66 -11.70
C GLN D 112 1.63 16.70 -10.60
N GLY D 113 1.53 17.98 -10.93
CA GLY D 113 1.34 19.03 -9.96
C GLY D 113 2.52 19.30 -9.03
N THR D 114 2.57 20.53 -8.51
CA THR D 114 3.56 20.93 -7.52
C THR D 114 2.85 21.56 -6.32
N LEU D 115 3.40 21.33 -5.14
CA LEU D 115 2.73 21.71 -3.90
C LEU D 115 3.14 23.13 -3.48
N VAL D 116 2.14 23.94 -3.16
CA VAL D 116 2.34 25.29 -2.66
C VAL D 116 1.73 25.35 -1.26
N SER D 117 2.56 25.67 -0.26
CA SER D 117 2.15 25.70 1.14
C SER D 117 2.29 27.13 1.64
N VAL D 118 1.16 27.75 1.98
CA VAL D 118 1.12 29.10 2.52
C VAL D 118 1.08 28.96 4.04
N SER D 119 2.21 29.20 4.71
CA SER D 119 2.27 29.05 6.15
C SER D 119 3.41 29.87 6.72
N SER D 120 3.19 30.38 7.94
CA SER D 120 4.23 31.03 8.72
C SER D 120 4.67 30.09 9.83
N ALA D 121 5.24 28.94 9.46
CA ALA D 121 5.45 27.83 10.38
C ALA D 121 6.90 27.35 10.26
N SER D 122 7.31 26.61 11.29
CA SER D 122 8.70 26.18 11.40
C SER D 122 8.98 25.46 12.71
N THR D 123 10.20 24.96 12.85
CA THR D 123 10.54 24.05 13.94
C THR D 123 10.06 24.61 15.28
N LYS D 124 9.12 23.90 15.89
CA LYS D 124 8.52 24.28 17.16
C LYS D 124 8.06 23.03 17.88
N GLY D 125 8.41 22.92 19.16
CA GLY D 125 8.05 21.76 19.95
C GLY D 125 6.57 21.73 20.30
N PRO D 126 6.07 20.56 20.69
CA PRO D 126 4.64 20.42 20.93
C PRO D 126 4.24 20.78 22.35
N SER D 127 2.99 21.24 22.48
CA SER D 127 2.33 21.40 23.77
C SER D 127 1.39 20.22 23.95
N VAL D 128 1.63 19.41 24.98
CA VAL D 128 0.93 18.15 25.18
C VAL D 128 0.07 18.25 26.43
N PHE D 129 -1.19 17.86 26.30
CA PHE D 129 -2.20 17.97 27.35
C PHE D 129 -2.88 16.63 27.57
N PRO D 130 -3.42 16.41 28.77
CA PRO D 130 -4.00 15.09 29.07
C PRO D 130 -5.49 15.02 28.77
N LEU D 131 -5.91 13.97 28.08
CA LEU D 131 -7.32 13.69 27.82
C LEU D 131 -7.73 12.54 28.73
N ALA D 132 -8.43 12.86 29.81
CA ALA D 132 -8.85 11.91 30.78
C ALA D 132 -10.26 11.44 30.53
N PRO D 133 -10.69 10.38 31.22
CA PRO D 133 -12.03 9.88 30.95
C PRO D 133 -13.13 10.53 31.74
N SER D 134 -14.39 10.27 31.43
CA SER D 134 -15.46 10.97 32.14
C SER D 134 -16.42 10.09 32.97
N SER D 135 -17.45 9.47 32.37
CA SER D 135 -18.35 8.58 33.08
C SER D 135 -18.11 7.15 32.65
N LYS D 136 -16.98 6.89 32.01
CA LYS D 136 -16.62 5.58 31.59
C LYS D 136 -15.98 4.80 32.71
N SER D 137 -15.56 5.47 33.78
CA SER D 137 -14.85 4.82 34.88
C SER D 137 -15.77 3.99 35.77
N THR D 138 -17.09 4.25 35.76
CA THR D 138 -17.98 3.57 36.68
C THR D 138 -18.03 2.06 36.45
N SER D 139 -17.62 1.58 35.27
CA SER D 139 -17.76 0.17 34.98
C SER D 139 -16.65 -0.33 34.07
N GLY D 140 -16.69 -1.64 33.81
CA GLY D 140 -15.64 -2.36 33.14
C GLY D 140 -15.21 -1.80 31.79
N GLY D 141 -13.91 -1.94 31.50
CA GLY D 141 -13.38 -1.80 30.17
C GLY D 141 -13.71 -0.51 29.43
N THR D 142 -14.30 0.46 30.12
CA THR D 142 -14.80 1.64 29.43
C THR D 142 -13.68 2.65 29.15
N ALA D 143 -12.88 2.95 30.16
CA ALA D 143 -12.00 4.13 30.10
C ALA D 143 -11.18 4.19 28.83
N ALA D 144 -11.12 5.40 28.26
CA ALA D 144 -10.21 5.73 27.17
C ALA D 144 -9.40 6.95 27.60
N LEU D 145 -8.10 6.77 27.82
CA LEU D 145 -7.20 7.85 28.15
C LEU D 145 -6.55 8.40 26.88
N GLY D 146 -6.06 9.62 26.97
CA GLY D 146 -5.45 10.24 25.81
C GLY D 146 -4.37 11.25 26.17
N CYS D 147 -3.56 11.57 25.16
CA CYS D 147 -2.61 12.67 25.19
C CYS D 147 -2.76 13.47 23.91
N LEU D 148 -3.02 14.76 24.05
CA LEU D 148 -3.18 15.67 22.91
C LEU D 148 -1.85 16.36 22.65
N VAL D 149 -1.26 16.12 21.48
CA VAL D 149 0.01 16.72 21.09
C VAL D 149 -0.30 17.86 20.11
N LYS D 150 -0.12 19.09 20.57
CA LYS D 150 -0.61 20.28 19.89
C LYS D 150 0.51 21.08 19.24
N ASP D 151 0.11 21.84 18.22
CA ASP D 151 0.94 22.78 17.46
C ASP D 151 2.43 22.48 17.52
N TYR D 152 2.92 21.64 16.60
CA TYR D 152 4.34 21.38 16.47
C TYR D 152 4.71 21.40 14.99
N PHE D 153 6.01 21.39 14.74
CA PHE D 153 6.55 21.40 13.38
C PHE D 153 8.05 21.14 13.47
N PRO D 154 8.64 20.40 12.52
CA PRO D 154 8.01 19.64 11.44
C PRO D 154 7.64 18.26 11.94
N GLU D 155 7.15 17.39 11.06
CA GLU D 155 7.03 15.99 11.39
C GLU D 155 8.43 15.39 11.50
N PRO D 156 8.57 14.26 12.22
CA PRO D 156 7.52 13.48 12.87
C PRO D 156 7.50 13.59 14.39
N VAL D 157 6.49 12.96 14.98
CA VAL D 157 6.39 12.79 16.42
C VAL D 157 6.12 11.34 16.71
N THR D 158 6.72 10.83 17.78
CA THR D 158 6.47 9.49 18.27
C THR D 158 5.65 9.57 19.55
N VAL D 159 4.94 8.50 19.86
CA VAL D 159 4.22 8.39 21.12
C VAL D 159 4.26 6.95 21.58
N SER D 160 4.65 6.75 22.83
CA SER D 160 4.58 5.46 23.51
C SER D 160 3.87 5.68 24.83
N TRP D 161 3.47 4.58 25.48
CA TRP D 161 2.73 4.64 26.73
C TRP D 161 3.43 3.76 27.76
N ASN D 162 3.69 4.33 28.94
CA ASN D 162 4.42 3.65 30.00
C ASN D 162 5.74 3.10 29.47
N SER D 163 6.37 3.86 28.58
CA SER D 163 7.72 3.56 28.08
C SER D 163 7.74 2.26 27.29
N GLY D 164 6.70 2.01 26.52
CA GLY D 164 6.61 0.84 25.68
C GLY D 164 6.03 -0.38 26.35
N ALA D 165 5.70 -0.30 27.64
CA ALA D 165 5.10 -1.41 28.36
C ALA D 165 3.62 -1.61 28.06
N LEU D 166 2.99 -0.65 27.39
CA LEU D 166 1.55 -0.66 27.14
C LEU D 166 1.28 -0.43 25.67
N THR D 167 1.04 -1.51 24.92
CA THR D 167 0.63 -1.42 23.53
C THR D 167 -0.75 -2.00 23.26
N SER D 168 -1.25 -2.88 24.13
CA SER D 168 -2.59 -3.44 23.97
C SER D 168 -3.63 -2.35 24.23
N GLY D 169 -4.17 -1.78 23.16
CA GLY D 169 -5.18 -0.75 23.25
C GLY D 169 -4.77 0.60 22.73
N VAL D 170 -3.51 0.79 22.34
CA VAL D 170 -3.03 2.10 21.93
C VAL D 170 -3.51 2.41 20.52
N HIS D 171 -3.86 3.67 20.28
CA HIS D 171 -4.24 4.14 18.96
C HIS D 171 -3.74 5.58 18.83
N THR D 172 -2.63 5.76 18.13
CA THR D 172 -2.07 7.09 17.87
C THR D 172 -2.54 7.54 16.49
N PHE D 173 -3.31 8.62 16.46
CA PHE D 173 -3.93 9.02 15.21
C PHE D 173 -2.96 9.80 14.33
N PRO D 174 -3.05 9.64 13.01
CA PRO D 174 -2.28 10.51 12.11
C PRO D 174 -2.54 11.98 12.44
N ALA D 175 -1.50 12.79 12.28
CA ALA D 175 -1.57 14.18 12.68
C ALA D 175 -2.35 15.01 11.66
N VAL D 176 -3.03 16.04 12.16
CA VAL D 176 -3.77 16.97 11.33
C VAL D 176 -2.86 18.12 10.95
N LEU D 177 -2.92 18.53 9.68
CA LEU D 177 -2.22 19.72 9.21
C LEU D 177 -3.22 20.87 9.18
N GLN D 178 -3.03 21.82 10.08
CA GLN D 178 -3.93 22.95 10.22
C GLN D 178 -3.60 24.01 9.17
N SER D 179 -4.44 25.05 9.10
CA SER D 179 -4.09 26.23 8.34
C SER D 179 -2.87 26.94 8.91
N SER D 180 -2.58 26.70 10.19
CA SER D 180 -1.39 27.29 10.82
C SER D 180 -0.10 26.87 10.13
N GLY D 181 -0.12 25.79 9.36
CA GLY D 181 1.10 25.13 8.95
C GLY D 181 1.68 24.22 10.01
N LEU D 182 1.20 24.30 11.24
CA LEU D 182 1.64 23.45 12.34
C LEU D 182 0.82 22.17 12.38
N TYR D 183 1.37 21.18 13.07
CA TYR D 183 0.76 19.86 13.18
C TYR D 183 0.17 19.68 14.58
N SER D 184 -0.68 18.66 14.70
CA SER D 184 -1.30 18.30 15.97
C SER D 184 -1.82 16.87 15.84
N LEU D 185 -1.69 16.09 16.91
CA LEU D 185 -2.21 14.74 16.90
C LEU D 185 -2.70 14.37 18.29
N SER D 186 -3.34 13.21 18.37
CA SER D 186 -3.81 12.66 19.63
C SER D 186 -3.50 11.18 19.67
N SER D 187 -3.14 10.69 20.86
CA SER D 187 -2.92 9.27 21.10
C SER D 187 -3.89 8.83 22.18
N VAL D 188 -4.55 7.70 21.97
CA VAL D 188 -5.55 7.19 22.91
C VAL D 188 -5.28 5.72 23.18
N VAL D 189 -5.38 5.33 24.45
CA VAL D 189 -5.35 3.93 24.86
C VAL D 189 -6.61 3.66 25.66
N THR D 190 -7.29 2.56 25.33
CA THR D 190 -8.43 2.10 26.09
C THR D 190 -7.97 1.11 27.14
N VAL D 191 -8.46 1.25 28.36
CA VAL D 191 -7.97 0.48 29.49
C VAL D 191 -9.13 -0.01 30.34
N PRO D 192 -8.91 -0.97 31.24
CA PRO D 192 -9.98 -1.37 32.16
C PRO D 192 -10.24 -0.30 33.20
N SER D 193 -11.52 0.04 33.40
CA SER D 193 -11.85 1.10 34.36
C SER D 193 -11.41 0.74 35.77
N SER D 194 -11.36 -0.55 36.09
CA SER D 194 -10.78 -0.96 37.37
C SER D 194 -9.35 -0.49 37.52
N SER D 195 -8.64 -0.34 36.39
CA SER D 195 -7.24 0.09 36.42
C SER D 195 -7.10 1.46 37.08
N LEU D 196 -7.96 2.40 36.70
CA LEU D 196 -7.80 3.79 37.14
C LEU D 196 -7.70 3.85 38.66
N GLY D 197 -6.79 4.69 39.15
CA GLY D 197 -6.55 4.81 40.57
C GLY D 197 -5.38 3.98 41.04
N THR D 198 -5.33 2.70 40.64
CA THR D 198 -4.21 1.84 41.02
C THR D 198 -3.05 2.00 40.03
N GLN D 199 -3.30 1.78 38.74
CA GLN D 199 -2.27 1.87 37.72
C GLN D 199 -2.13 3.32 37.23
N THR D 200 -0.89 3.68 36.89
CA THR D 200 -0.57 4.99 36.36
C THR D 200 -0.34 4.91 34.85
N TYR D 201 -0.72 5.98 34.15
CA TYR D 201 -0.64 6.02 32.70
C TYR D 201 0.08 7.30 32.28
N ILE D 202 1.17 7.13 31.53
CA ILE D 202 1.98 8.24 31.06
C ILE D 202 2.18 8.07 29.56
N CYS D 203 2.07 9.16 28.82
CA CYS D 203 2.36 9.18 27.39
C CYS D 203 3.75 9.78 27.18
N ASN D 204 4.55 9.13 26.35
CA ASN D 204 5.93 9.52 26.10
C ASN D 204 6.01 10.05 24.67
N VAL D 205 5.81 11.35 24.54
CA VAL D 205 5.82 12.02 23.24
C VAL D 205 7.21 12.59 23.01
N ASN D 206 7.84 12.17 21.92
CA ASN D 206 9.16 12.65 21.52
C ASN D 206 9.04 13.43 20.23
N HIS D 207 9.73 14.57 20.18
CA HIS D 207 9.79 15.42 18.99
C HIS D 207 11.27 15.66 18.70
N LYS D 208 11.90 14.69 18.05
CA LYS D 208 13.33 14.80 17.73
C LYS D 208 13.68 16.08 16.97
N PRO D 209 12.85 16.59 16.06
CA PRO D 209 13.24 17.82 15.34
C PRO D 209 13.55 18.99 16.26
N SER D 210 12.90 19.08 17.42
CA SER D 210 13.11 20.17 18.36
C SER D 210 13.75 19.71 19.66
N ASN D 211 14.28 18.49 19.70
CA ASN D 211 14.94 17.95 20.89
C ASN D 211 14.03 18.04 22.12
N THR D 212 12.72 17.91 21.90
CA THR D 212 11.73 17.96 22.96
C THR D 212 11.20 16.56 23.23
N LYS D 213 11.07 16.23 24.52
CA LYS D 213 10.47 14.97 24.97
C LYS D 213 9.64 15.30 26.20
N VAL D 214 8.35 14.98 26.17
CA VAL D 214 7.46 15.24 27.29
C VAL D 214 6.84 13.93 27.74
N ASP D 215 6.75 13.74 29.06
CA ASP D 215 6.14 12.58 29.67
C ASP D 215 4.92 13.08 30.46
N LYS D 216 3.79 13.21 29.79
CA LYS D 216 2.59 13.71 30.45
C LYS D 216 1.87 12.57 31.16
N LYS D 217 1.58 12.77 32.45
CA LYS D 217 0.83 11.78 33.22
C LYS D 217 -0.66 12.09 33.09
N VAL D 218 -1.44 11.07 32.78
CA VAL D 218 -2.86 11.22 32.51
C VAL D 218 -3.62 10.63 33.70
N GLU D 219 -4.16 11.51 34.55
CA GLU D 219 -4.92 11.16 35.73
C GLU D 219 -6.41 11.37 35.48
N PRO D 220 -7.29 10.51 35.99
CA PRO D 220 -8.73 10.78 35.85
C PRO D 220 -9.16 12.00 36.64
N LYS D 221 -10.08 12.77 36.07
CA LYS D 221 -10.57 13.99 36.70
C LYS D 221 -11.68 13.67 37.70
N PRO E 2 -7.38 -44.03 23.89
CA PRO E 2 -6.54 -42.90 24.28
C PRO E 2 -5.20 -42.88 23.53
N SER E 3 -5.09 -42.06 22.50
CA SER E 3 -3.90 -42.06 21.66
C SER E 3 -2.79 -41.21 22.27
N ASP E 4 -1.55 -41.54 21.90
CA ASP E 4 -0.42 -40.71 22.30
C ASP E 4 -0.62 -39.26 21.85
N LYS E 5 -1.27 -39.06 20.71
CA LYS E 5 -1.60 -37.70 20.27
C LYS E 5 -2.45 -36.99 21.30
N HIS E 6 -3.54 -37.64 21.74
CA HIS E 6 -4.47 -36.98 22.67
C HIS E 6 -3.79 -36.68 24.00
N ILE E 7 -2.91 -37.57 24.47
CA ILE E 7 -2.20 -37.33 25.72
C ILE E 7 -1.27 -36.14 25.59
N LYS E 8 -0.59 -36.02 24.44
CA LYS E 8 0.34 -34.90 24.25
C LYS E 8 -0.41 -33.57 24.16
N GLU E 9 -1.50 -33.54 23.40
CA GLU E 9 -2.26 -32.30 23.25
C GLU E 9 -2.90 -31.88 24.58
N TYR E 10 -3.40 -32.85 25.34
CA TYR E 10 -4.01 -32.53 26.63
C TYR E 10 -2.98 -31.96 27.61
N LEU E 11 -1.74 -32.43 27.55
CA LEU E 11 -0.70 -31.88 28.41
C LEU E 11 -0.51 -30.39 28.19
N ASN E 12 -0.48 -29.96 26.92
CA ASN E 12 -0.40 -28.54 26.61
C ASN E 12 -1.65 -27.79 27.02
N LYS E 13 -2.79 -28.48 27.14
CA LYS E 13 -4.03 -27.83 27.53
C LYS E 13 -3.99 -27.38 28.98
N ILE E 14 -3.35 -28.16 29.84
CA ILE E 14 -3.35 -27.90 31.28
C ILE E 14 -1.92 -27.61 31.73
N GLN E 15 -1.10 -27.10 30.82
CA GLN E 15 0.32 -26.94 31.11
C GLN E 15 0.53 -26.16 32.41
N ASN E 16 -0.24 -25.10 32.62
CA ASN E 16 -0.09 -24.32 33.85
C ASN E 16 -0.50 -25.12 35.08
N SER E 17 -1.45 -26.05 34.92
CA SER E 17 -1.95 -26.81 36.06
C SER E 17 -1.15 -28.08 36.33
N LEU E 18 -0.58 -28.70 35.29
CA LEU E 18 0.18 -29.94 35.43
C LEU E 18 1.03 -29.93 36.69
N SER E 19 0.96 -31.01 37.45
CA SER E 19 1.55 -31.06 38.78
C SER E 19 1.96 -32.48 39.12
N THR E 20 2.48 -32.65 40.34
CA THR E 20 2.81 -33.98 40.84
C THR E 20 1.57 -34.82 41.09
N GLU E 21 0.47 -34.19 41.48
CA GLU E 21 -0.79 -34.90 41.66
C GLU E 21 -1.44 -35.18 40.32
N TRP E 22 -2.41 -36.09 40.32
CA TRP E 22 -3.10 -36.47 39.10
C TRP E 22 -3.99 -35.33 38.59
N SER E 23 -4.09 -35.24 37.26
CA SER E 23 -4.86 -34.20 36.62
C SER E 23 -6.33 -34.59 36.55
N PRO E 24 -7.21 -33.63 36.30
CA PRO E 24 -8.59 -33.98 35.94
C PRO E 24 -8.58 -34.93 34.76
N CYS E 25 -9.58 -35.80 34.70
CA CYS E 25 -9.71 -36.72 33.57
C CYS E 25 -10.00 -35.92 32.31
N SER E 26 -9.33 -36.30 31.21
CA SER E 26 -9.47 -35.58 29.95
C SER E 26 -10.91 -35.43 29.53
N VAL E 27 -11.76 -36.39 29.88
CA VAL E 27 -13.05 -36.57 29.23
C VAL E 27 -14.16 -36.41 30.23
N THR E 28 -15.33 -36.01 29.72
CA THR E 28 -16.58 -36.02 30.46
C THR E 28 -17.55 -37.05 29.93
N CYS E 29 -17.42 -37.42 28.66
CA CYS E 29 -18.17 -38.51 28.03
C CYS E 29 -17.15 -39.50 27.46
N GLY E 30 -16.93 -40.62 28.16
CA GLY E 30 -16.17 -41.71 27.58
C GLY E 30 -14.96 -42.18 28.35
N ASN E 31 -13.80 -42.26 27.68
CA ASN E 31 -12.54 -42.67 28.29
C ASN E 31 -11.43 -41.73 27.88
N GLY E 32 -10.51 -41.46 28.80
CA GLY E 32 -9.38 -40.61 28.52
C GLY E 32 -8.12 -41.01 29.27
N ILE E 33 -7.49 -40.06 29.95
CA ILE E 33 -6.28 -40.32 30.70
C ILE E 33 -6.09 -39.24 31.75
N GLN E 34 -5.52 -39.61 32.88
CA GLN E 34 -5.02 -38.67 33.87
C GLN E 34 -3.50 -38.70 33.83
N VAL E 35 -2.88 -37.54 33.99
CA VAL E 35 -1.42 -37.43 33.90
C VAL E 35 -0.88 -36.73 35.13
N ARG E 36 0.36 -37.06 35.47
CA ARG E 36 1.06 -36.44 36.59
C ARG E 36 2.55 -36.46 36.28
N ILE E 37 3.29 -35.62 36.99
CA ILE E 37 4.74 -35.63 36.91
C ILE E 37 5.26 -36.64 37.93
N LYS E 38 5.94 -37.68 37.46
CA LYS E 38 6.50 -38.69 38.35
C LYS E 38 7.25 -38.00 39.49
N PRO E 39 6.89 -38.27 40.76
CA PRO E 39 7.68 -37.77 41.89
C PRO E 39 9.18 -37.56 41.68
N GLY E 40 9.84 -38.42 40.92
CA GLY E 40 11.27 -38.26 40.73
C GLY E 40 11.66 -37.05 39.89
N SER E 41 10.70 -36.43 39.21
CA SER E 41 10.96 -35.35 38.26
C SER E 41 10.20 -34.08 38.62
N ALA E 42 9.90 -33.89 39.91
CA ALA E 42 9.02 -32.83 40.33
C ALA E 42 9.70 -31.46 40.39
N ASN E 43 11.03 -31.42 40.37
CA ASN E 43 11.77 -30.16 40.35
C ASN E 43 12.38 -29.90 38.98
N LYS E 44 11.87 -30.56 37.94
CA LYS E 44 12.29 -30.34 36.57
C LYS E 44 11.44 -29.24 35.92
N PRO E 45 12.05 -28.35 35.14
CA PRO E 45 11.25 -27.38 34.38
C PRO E 45 10.23 -28.08 33.50
N LYS E 46 9.11 -27.40 33.25
CA LYS E 46 8.01 -28.03 32.54
C LYS E 46 8.21 -28.03 31.03
N ASP E 47 9.11 -27.20 30.50
CA ASP E 47 9.46 -27.29 29.09
C ASP E 47 10.50 -28.35 28.82
N GLU E 48 11.21 -28.82 29.85
CA GLU E 48 12.26 -29.81 29.73
C GLU E 48 11.77 -31.23 30.02
N LEU E 49 10.46 -31.43 30.17
CA LEU E 49 9.93 -32.73 30.58
C LEU E 49 9.81 -33.66 29.39
N ASP E 50 10.42 -34.84 29.48
CA ASP E 50 10.27 -35.87 28.47
C ASP E 50 8.92 -36.57 28.64
N TYR E 51 8.19 -36.71 27.54
CA TYR E 51 6.82 -37.20 27.62
C TYR E 51 6.74 -38.63 28.12
N ALA E 52 7.77 -39.43 27.87
CA ALA E 52 7.74 -40.85 28.24
C ALA E 52 8.22 -41.09 29.66
N ASN E 53 9.43 -40.62 29.99
CA ASN E 53 10.11 -41.02 31.21
C ASN E 53 9.86 -40.10 32.40
N ASP E 54 9.19 -38.97 32.21
CA ASP E 54 8.89 -38.05 33.31
C ASP E 54 7.41 -37.91 33.60
N ILE E 55 6.53 -38.44 32.76
CA ILE E 55 5.08 -38.28 32.89
C ILE E 55 4.48 -39.65 33.21
N GLU E 56 3.80 -39.73 34.35
CA GLU E 56 2.97 -40.89 34.68
C GLU E 56 1.60 -40.71 34.05
N LYS E 57 1.13 -41.74 33.35
CA LYS E 57 -0.15 -41.71 32.67
C LYS E 57 -1.00 -42.88 33.13
N LYS E 58 -2.30 -42.62 33.31
CA LYS E 58 -3.23 -43.67 33.71
C LYS E 58 -4.60 -43.35 33.13
N ILE E 59 -5.27 -44.38 32.60
CA ILE E 59 -6.54 -44.19 31.92
C ILE E 59 -7.63 -43.88 32.94
N CYS E 60 -8.65 -43.15 32.50
CA CYS E 60 -9.83 -42.87 33.31
C CYS E 60 -11.07 -43.29 32.53
N LYS E 61 -11.90 -44.13 33.14
CA LYS E 61 -13.14 -44.57 32.55
C LYS E 61 -14.28 -43.62 32.92
N MET E 62 -15.18 -43.38 31.98
CA MET E 62 -16.27 -42.44 32.19
C MET E 62 -17.56 -42.95 31.56
N PRO F 2 -30.86 20.95 -34.63
CA PRO F 2 -31.25 20.35 -33.35
C PRO F 2 -30.73 21.12 -32.14
N SER F 3 -30.53 20.40 -31.04
CA SER F 3 -30.17 21.03 -29.78
C SER F 3 -28.89 21.85 -29.91
N ASP F 4 -28.85 23.00 -29.23
CA ASP F 4 -27.60 23.73 -29.12
C ASP F 4 -26.54 22.88 -28.41
N LYS F 5 -26.96 21.96 -27.55
CA LYS F 5 -26.02 21.04 -26.91
C LYS F 5 -25.37 20.13 -27.94
N HIS F 6 -26.19 19.35 -28.66
CA HIS F 6 -25.67 18.36 -29.58
C HIS F 6 -24.93 18.99 -30.76
N ILE F 7 -25.15 20.28 -31.03
CA ILE F 7 -24.29 20.97 -32.00
C ILE F 7 -22.89 21.17 -31.41
N LYS F 8 -22.83 21.62 -30.15
CA LYS F 8 -21.54 21.86 -29.52
C LYS F 8 -20.75 20.57 -29.36
N GLU F 9 -21.44 19.47 -29.05
CA GLU F 9 -20.77 18.17 -28.97
C GLU F 9 -20.34 17.67 -30.34
N TYR F 10 -20.97 18.17 -31.42
CA TYR F 10 -20.52 17.82 -32.76
C TYR F 10 -19.28 18.62 -33.16
N LEU F 11 -19.17 19.87 -32.69
CA LEU F 11 -17.99 20.68 -32.99
C LEU F 11 -16.71 20.00 -32.49
N ASN F 12 -16.78 19.33 -31.34
CA ASN F 12 -15.60 18.67 -30.80
C ASN F 12 -15.30 17.36 -31.51
N LYS F 13 -16.32 16.67 -32.01
CA LYS F 13 -16.06 15.47 -32.81
C LYS F 13 -15.29 15.83 -34.06
N ILE F 14 -15.58 16.98 -34.67
CA ILE F 14 -14.96 17.39 -35.92
C ILE F 14 -14.02 18.57 -35.67
N GLN F 15 -13.45 18.66 -34.46
CA GLN F 15 -12.56 19.77 -34.15
C GLN F 15 -11.37 19.82 -35.09
N ASN F 16 -10.77 18.66 -35.38
CA ASN F 16 -9.60 18.63 -36.25
C ASN F 16 -9.94 19.09 -37.67
N SER F 17 -11.18 18.84 -38.09
CA SER F 17 -11.58 19.05 -39.49
C SER F 17 -12.35 20.34 -39.73
N LEU F 18 -12.76 21.05 -38.67
CA LEU F 18 -13.57 22.24 -38.86
C LEU F 18 -12.82 23.27 -39.69
N SER F 19 -13.53 23.89 -40.64
CA SER F 19 -12.89 24.69 -41.66
C SER F 19 -13.85 25.75 -42.19
N THR F 20 -13.36 26.50 -43.18
CA THR F 20 -14.18 27.50 -43.86
C THR F 20 -15.47 26.91 -44.40
N GLU F 21 -15.40 25.70 -44.98
CA GLU F 21 -16.53 25.13 -45.70
C GLU F 21 -17.39 24.26 -44.78
N TRP F 22 -18.55 23.88 -45.31
CA TRP F 22 -19.57 23.21 -44.52
C TRP F 22 -19.09 21.85 -44.03
N SER F 23 -19.68 21.40 -42.95
CA SER F 23 -19.35 20.11 -42.36
C SER F 23 -20.11 19.00 -43.05
N PRO F 24 -19.67 17.76 -42.89
CA PRO F 24 -20.58 16.63 -43.12
C PRO F 24 -21.75 16.72 -42.15
N CYS F 25 -22.92 16.31 -42.61
CA CYS F 25 -24.10 16.40 -41.77
C CYS F 25 -24.00 15.42 -40.61
N SER F 26 -24.48 15.85 -39.44
CA SER F 26 -24.19 15.15 -38.21
C SER F 26 -24.78 13.75 -38.15
N VAL F 27 -25.73 13.41 -39.03
CA VAL F 27 -26.46 12.16 -38.91
C VAL F 27 -26.67 11.50 -40.26
N THR F 28 -26.83 10.18 -40.23
CA THR F 28 -27.26 9.41 -41.39
C THR F 28 -28.78 9.40 -41.55
N CYS F 29 -29.51 9.49 -40.43
CA CYS F 29 -30.96 9.40 -40.40
C CYS F 29 -31.58 10.78 -40.16
N GLY F 30 -32.88 10.85 -40.38
CA GLY F 30 -33.66 12.03 -40.06
C GLY F 30 -32.98 13.35 -40.30
N ASN F 31 -32.87 14.17 -39.26
CA ASN F 31 -32.32 15.52 -39.36
C ASN F 31 -31.13 15.68 -38.42
N GLY F 32 -30.20 16.55 -38.81
CA GLY F 32 -29.04 16.87 -38.00
C GLY F 32 -28.65 18.33 -38.18
N ILE F 33 -27.35 18.58 -38.29
CA ILE F 33 -26.84 19.94 -38.48
C ILE F 33 -25.51 19.88 -39.21
N GLN F 34 -25.29 20.86 -40.08
CA GLN F 34 -23.99 21.13 -40.68
C GLN F 34 -23.50 22.49 -40.15
N VAL F 35 -22.18 22.63 -40.03
CA VAL F 35 -21.59 23.83 -39.44
C VAL F 35 -20.26 24.14 -40.13
N ARG F 36 -19.87 25.41 -40.06
CA ARG F 36 -18.61 25.86 -40.63
C ARG F 36 -18.19 27.15 -39.91
N ILE F 37 -16.95 27.56 -40.14
CA ILE F 37 -16.46 28.82 -39.62
C ILE F 37 -16.88 29.94 -40.56
N LYS F 38 -17.44 31.01 -40.01
CA LYS F 38 -17.79 32.16 -40.82
C LYS F 38 -16.52 32.75 -41.45
N PRO F 39 -16.57 33.17 -42.72
CA PRO F 39 -15.34 33.60 -43.39
C PRO F 39 -14.57 34.67 -42.64
N GLY F 40 -15.25 35.57 -41.94
CA GLY F 40 -14.52 36.60 -41.21
C GLY F 40 -13.63 36.04 -40.12
N SER F 41 -14.07 34.98 -39.45
CA SER F 41 -13.34 34.35 -38.37
C SER F 41 -12.46 33.20 -38.84
N ALA F 42 -11.86 33.33 -40.03
CA ALA F 42 -11.13 32.21 -40.61
C ALA F 42 -9.73 32.05 -40.02
N ASN F 43 -9.07 33.15 -39.64
CA ASN F 43 -7.74 33.11 -39.07
C ASN F 43 -7.74 33.24 -37.54
N LYS F 44 -8.91 33.04 -36.92
CA LYS F 44 -8.96 32.91 -35.46
C LYS F 44 -8.51 31.51 -35.06
N PRO F 45 -7.66 31.36 -34.06
CA PRO F 45 -7.35 30.02 -33.55
C PRO F 45 -8.62 29.29 -33.14
N LYS F 46 -8.48 27.97 -32.94
CA LYS F 46 -9.67 27.15 -32.74
C LYS F 46 -10.15 27.13 -31.29
N ASP F 47 -9.25 27.34 -30.32
CA ASP F 47 -9.69 27.42 -28.93
C ASP F 47 -10.44 28.73 -28.67
N GLU F 48 -10.13 29.78 -29.43
CA GLU F 48 -10.69 31.11 -29.21
C GLU F 48 -12.05 31.29 -29.86
N LEU F 49 -12.56 30.30 -30.57
CA LEU F 49 -13.81 30.45 -31.30
C LEU F 49 -15.00 30.55 -30.36
N ASP F 50 -15.88 31.49 -30.63
CA ASP F 50 -17.15 31.64 -29.92
C ASP F 50 -18.25 30.93 -30.70
N TYR F 51 -19.11 30.21 -29.97
CA TYR F 51 -20.12 29.37 -30.62
C TYR F 51 -21.23 30.18 -31.26
N ALA F 52 -21.44 31.42 -30.84
CA ALA F 52 -22.59 32.18 -31.31
C ALA F 52 -22.25 33.08 -32.49
N ASN F 53 -21.06 33.67 -32.52
CA ASN F 53 -20.73 34.65 -33.54
C ASN F 53 -19.80 34.14 -34.64
N ASP F 54 -19.05 33.07 -34.39
CA ASP F 54 -18.05 32.61 -35.33
C ASP F 54 -18.42 31.29 -35.99
N ILE F 55 -19.63 30.78 -35.76
CA ILE F 55 -20.03 29.46 -36.24
C ILE F 55 -21.40 29.56 -36.90
N GLU F 56 -21.45 29.25 -38.19
CA GLU F 56 -22.72 29.11 -38.91
C GLU F 56 -23.21 27.67 -38.80
N LYS F 57 -24.53 27.51 -38.74
CA LYS F 57 -25.14 26.20 -38.56
C LYS F 57 -26.37 26.13 -39.45
N LYS F 58 -26.29 25.34 -40.52
CA LYS F 58 -27.43 25.05 -41.38
C LYS F 58 -27.93 23.64 -41.10
N ILE F 59 -29.24 23.47 -41.15
CA ILE F 59 -29.87 22.21 -40.79
C ILE F 59 -29.82 21.28 -42.00
N CYS F 60 -29.56 20.00 -41.74
CA CYS F 60 -29.55 18.96 -42.77
C CYS F 60 -30.64 17.95 -42.45
N LYS F 61 -31.23 17.37 -43.49
CA LYS F 61 -32.37 16.47 -43.34
C LYS F 61 -32.15 15.26 -44.24
N MET F 62 -31.62 14.18 -43.67
CA MET F 62 -31.43 12.93 -44.41
C MET F 62 -32.62 12.00 -44.17
#